data_8OTS
#
_entry.id   8OTS
#
loop_
_entity.id
_entity.type
_entity.pdbx_description
1 polymer 'Histone H3.1'
2 polymer 'Histone H4'
3 polymer 'Histone H2A type 1-B/E'
4 polymer 'Histone H2B type 1-J'
5 polymer 'DNA (127-MER)'
6 polymer 'DNA (127-MER)'
7 polymer 'Green fluorescent protein,POU domain, class 5, transcription factor 1'
8 polymer 'Myc proto-oncogene protein'
9 polymer 'Protein max'
10 non-polymer PENTANEDIAL
#
loop_
_entity_poly.entity_id
_entity_poly.type
_entity_poly.pdbx_seq_one_letter_code
_entity_poly.pdbx_strand_id
1 'polypeptide(L)'
;GSHMARTKQTARKSTGGKAPRKQLATKAARKSAPATGGVKKPHRYRPGTVALREIRRYQKSTELLIRKLPFQRLVREIAQ
DFKTDLRFQSSAVMALQEACEAYLVGLFEDTNLCAIHAKRVTIMPKDIQLARRIRGERA
;
A,E
2 'polypeptide(L)'
;GSHMSGRGKGGKGLGKGGAKRHRKVLRDNIQGITKPAIRRLARRGGVKRISGLIYEETRGVLKVFLENVIRDAVTYTEHA
KRKTVTAMDVVYALKRQGRTLYGFGG
;
B,F
3 'polypeptide(L)'
;GSHMSGRGKQGGKARAKAKTRSSRAGLQFPVGRVHRLLRKGNYSERVGAGAPVYLAAVLEYLTAEILELAGNAARDNKKT
RIIPRHLQLAIRNDEELNKLLGRVTIAQGGVLPNIQAVLLPKKTESHHKAKGK
;
C,G
4 'polypeptide(L)'
;GSHMPEPAKSAPAPKKGSKKAVTKAQKKDGKKRKRSRKESYSIYVYKVLKQVHPDTGISSKAMGIMNSFVNDIFERIAGE
ASRLAHYNKRSTITSREIQTAVRLLLPGELAKHAVSEGTKAVTKYTSA
;
D,H
5 'polydeoxyribonucleotide'
;(DC)(DT)(DT)(DT)(DG)(DT)(DT)(DA)(DT)(DG)(DC)(DA)(DA)(DA)(DT)(DC)(DG)(DG)(DG)(DG)
(DT)(DG)(DG)(DG)(DG)(DC)(DG)(DT)(DC)(DG)(DT)(DA)(DG)(DA)(DC)(DA)(DG)(DC)(DT)(DC)
(DT)(DA)(DG)(DC)(DA)(DC)(DC)(DG)(DC)(DT)(DT)(DA)(DA)(DA)(DC)(DG)(DC)(DA)(DC)(DG)
(DT)(DA)(DC)(DG)(DC)(DG)(DC)(DT)(DG)(DT)(DC)(DC)(DC)(DC)(DC)(DG)(DC)(DG)(DT)(DT)
(DT)(DT)(DA)(DA)(DC)(DC)(DG)(DC)(DC)(DA)(DA)(DG)(DG)(DG)(DG)(DA)(DT)(DT)(DA)(DC)
(DT)(DC)(DC)(DC)(DT)(DA)(DG)(DT)(DC)(DT)(DC)(DC)(DA)(DG)(DG)(DC)(DA)(DC)(DG)(DT)
(DG)(DT)(DC)(DA)(DG)(DA)(DT)
;
I
6 'polydeoxyribonucleotide'
;(DA)(DT)(DC)(DT)(DG)(DA)(DC)(DA)(DC)(DG)(DT)(DG)(DC)(DC)(DT)(DG)(DG)(DA)(DG)(DA)
(DC)(DT)(DA)(DG)(DG)(DG)(DA)(DG)(DT)(DA)(DA)(DT)(DC)(DC)(DC)(DC)(DT)(DT)(DG)(DG)
(DC)(DG)(DG)(DT)(DT)(DA)(DA)(DA)(DA)(DC)(DG)(DC)(DG)(DG)(DG)(DG)(DG)(DA)(DC)(DA)
(DG)(DC)(DG)(DC)(DG)(DT)(DA)(DC)(DG)(DT)(DG)(DC)(DG)(DT)(DT)(DT)(DA)(DA)(DG)(DC)
(DG)(DG)(DT)(DG)(DC)(DT)(DA)(DG)(DA)(DG)(DC)(DT)(DG)(DT)(DC)(DT)(DA)(DC)(DG)(DA)
(DC)(DG)(DC)(DC)(DC)(DC)(DA)(DC)(DC)(DC)(DC)(DG)(DA)(DT)(DT)(DT)(DG)(DC)(DA)(DT)
(DA)(DA)(DC)(DA)(DA)(DA)(DG)
;
J
7 'polypeptide(L)'
;MDWSHPQFEKSAVDENLYFQGGMVSKGEELFTGVVPILVELDGDVNGHKFSVSGEGEGDATYGKLTLKFICTTGKLPVPW
PTLVTTLTYGVQCFSRYPDHMKQHDFFKSAMPEGYVQERTIFFKDDGNYKTRAEVKFEGDTLVNRIELKGIDFKEDGNIL
GHKLEYNYNSHNVYIMADKQKNGIKVNFKIRHNIEDGSVQLADHYQQNTPIGDGPVLLPDNHYLSTQSKLSKDPNEKRDH
MVLLEFVTAAGITLGMDELYKEAAAKEAAAKMAGHLASDFAFSPPPGGGGDGPGGPEPGWVDPRTWLSFQGPPGGPGIGP
GVGPGSEVWGIPPCPPPYEFCGGMAYCGPQVGVGLVPQGGLETSQPEGEAGVGVESNSDGASPEPCTVTPGAVKLEKEKL
EQNPEESQDIKALQKELEQFAKLLKQKRITLGYTQADVGLTLGVLFGKVFSQTTICRFEALQLSFKNMCKLRPLLQKWVE
EADNNENLQEICKAETLVQARKRKRTSIENRVRGNLENLFLQCPKPTLQQISHIAQQLGLEKDV
;
K
8 'polypeptide(L)'
;MHHHHHHEENVKRRTHNVLERQRRNELKRSFFALRDQIPELENNEKAPKVVILKKATAYILSVQAEEQKLISEEDLLRKR
REQLKHKLEQLRNS
;
M
9 'polypeptide(L)'
;MADKRAHHNALERKRRDHIKDSFHSLRDSVPSLQGEKASRAQILDKATEYIQYMRRKNHTHQQDIDDLKRQNALLEQQVR
AL
;
N
#
loop_
_chem_comp.id
_chem_comp.type
_chem_comp.name
_chem_comp.formula
DA DNA linking 2'-DEOXYADENOSINE-5'-MONOPHOSPHATE 'C10 H14 N5 O6 P'
DC DNA linking 2'-DEOXYCYTIDINE-5'-MONOPHOSPHATE 'C9 H14 N3 O7 P'
DG DNA linking 2'-DEOXYGUANOSINE-5'-MONOPHOSPHATE 'C10 H14 N5 O7 P'
DT DNA linking THYMIDINE-5'-MONOPHOSPHATE 'C10 H15 N2 O8 P'
PTD non-polymer PENTANEDIAL 'C5 H8 O2'
#
# COMPACT_ATOMS: atom_id res chain seq x y z
N ARG A 44 1.61 -37.55 -29.68
CA ARG A 44 2.53 -36.80 -28.82
C ARG A 44 2.89 -35.45 -29.46
N TYR A 45 2.75 -34.37 -28.69
CA TYR A 45 3.05 -33.03 -29.16
C TYR A 45 4.53 -32.71 -28.96
N ARG A 46 5.09 -31.88 -29.82
CA ARG A 46 6.48 -31.46 -29.65
C ARG A 46 6.60 -30.72 -28.30
N PRO A 47 7.62 -31.04 -27.50
CA PRO A 47 7.86 -30.46 -26.19
C PRO A 47 7.85 -28.95 -26.25
N GLY A 48 7.16 -28.34 -25.29
CA GLY A 48 7.00 -26.90 -25.23
C GLY A 48 5.64 -26.47 -25.78
N THR A 49 5.02 -27.35 -26.56
CA THR A 49 3.69 -27.05 -27.11
C THR A 49 2.68 -26.94 -25.98
N VAL A 50 2.75 -27.87 -25.05
CA VAL A 50 1.84 -27.90 -23.93
C VAL A 50 2.16 -26.79 -22.94
N ALA A 51 3.45 -26.54 -22.73
CA ALA A 51 3.85 -25.52 -21.76
C ALA A 51 3.29 -24.17 -22.14
N LEU A 52 3.29 -23.86 -23.44
CA LEU A 52 2.74 -22.58 -23.89
C LEU A 52 1.23 -22.54 -23.69
N ARG A 53 0.57 -23.68 -23.88
CA ARG A 53 -0.86 -23.75 -23.64
C ARG A 53 -1.17 -23.49 -22.17
N GLU A 54 -0.34 -24.07 -21.29
CA GLU A 54 -0.53 -23.88 -19.86
C GLU A 54 -0.25 -22.45 -19.44
N ILE A 55 0.74 -21.82 -20.06
CA ILE A 55 1.04 -20.44 -19.72
C ILE A 55 -0.14 -19.54 -20.04
N ARG A 56 -0.74 -19.74 -21.22
CA ARG A 56 -1.91 -18.97 -21.58
C ARG A 56 -3.08 -19.27 -20.64
N ARG A 57 -3.25 -20.53 -20.29
CA ARG A 57 -4.33 -20.93 -19.41
C ARG A 57 -4.24 -20.28 -18.04
N TYR A 58 -3.06 -20.30 -17.45
CA TYR A 58 -2.90 -19.81 -16.09
C TYR A 58 -2.83 -18.29 -16.04
N GLN A 59 -2.37 -17.66 -17.11
CA GLN A 59 -2.38 -16.21 -17.15
C GLN A 59 -3.79 -15.66 -17.29
N LYS A 60 -4.64 -16.40 -18.01
CA LYS A 60 -6.04 -16.02 -18.19
C LYS A 60 -6.86 -16.18 -16.91
N SER A 61 -6.59 -17.25 -16.16
CA SER A 61 -7.38 -17.58 -14.98
C SER A 61 -6.94 -16.76 -13.76
N THR A 62 -7.79 -16.71 -12.73
CA THR A 62 -7.49 -15.94 -11.53
C THR A 62 -7.46 -16.76 -10.24
N GLU A 63 -7.82 -18.03 -10.30
CA GLU A 63 -7.92 -18.84 -9.08
C GLU A 63 -6.55 -19.17 -8.51
N LEU A 64 -6.51 -19.47 -7.22
CA LEU A 64 -5.28 -19.84 -6.54
C LEU A 64 -4.77 -21.19 -7.02
N LEU A 65 -3.45 -21.29 -7.15
CA LEU A 65 -2.82 -22.49 -7.66
C LEU A 65 -2.39 -23.46 -6.55
N ILE A 66 -2.12 -22.91 -5.37
CA ILE A 66 -1.72 -23.74 -4.22
C ILE A 66 -2.95 -24.25 -3.48
N ARG A 67 -2.95 -25.55 -3.18
CA ARG A 67 -4.08 -26.18 -2.49
C ARG A 67 -4.25 -25.58 -1.08
N LYS A 68 -5.50 -25.36 -0.69
CA LYS A 68 -5.78 -24.61 0.54
C LYS A 68 -5.39 -25.34 1.82
N LEU A 69 -5.70 -26.60 1.95
CA LEU A 69 -5.41 -27.30 3.19
C LEU A 69 -3.91 -27.43 3.50
N PRO A 70 -3.08 -27.86 2.53
CA PRO A 70 -1.63 -27.90 2.64
C PRO A 70 -1.06 -26.54 3.00
N PHE A 71 -1.64 -25.47 2.46
CA PHE A 71 -1.15 -24.14 2.77
C PHE A 71 -1.46 -23.79 4.22
N GLN A 72 -2.67 -24.09 4.66
CA GLN A 72 -3.07 -23.80 6.03
C GLN A 72 -2.13 -24.48 7.01
N ARG A 73 -1.76 -25.72 6.73
CA ARG A 73 -0.88 -26.42 7.63
C ARG A 73 0.49 -25.74 7.68
N LEU A 74 0.95 -25.25 6.54
CA LEU A 74 2.23 -24.56 6.50
C LEU A 74 2.19 -23.26 7.29
N VAL A 75 1.09 -22.53 7.17
CA VAL A 75 0.95 -21.28 7.90
C VAL A 75 0.92 -21.53 9.40
N ARG A 76 0.16 -22.54 9.81
CA ARG A 76 0.05 -22.86 11.21
C ARG A 76 1.38 -23.36 11.76
N GLU A 77 2.12 -24.12 10.95
CA GLU A 77 3.41 -24.63 11.37
C GLU A 77 4.38 -23.49 11.65
N ILE A 78 4.35 -22.46 10.82
CA ILE A 78 5.25 -21.32 10.99
C ILE A 78 4.79 -20.45 12.15
N ALA A 79 3.49 -20.19 12.22
CA ALA A 79 2.95 -19.33 13.27
C ALA A 79 3.21 -19.93 14.64
N GLN A 80 3.22 -21.27 14.69
CA GLN A 80 3.43 -22.01 15.93
C GLN A 80 4.79 -21.72 16.55
N ASP A 81 5.74 -21.27 15.74
CA ASP A 81 7.08 -21.00 16.23
C ASP A 81 7.20 -19.63 16.87
N PHE A 82 6.15 -18.80 16.73
CA PHE A 82 6.17 -17.48 17.33
C PHE A 82 5.35 -17.47 18.61
N LYS A 83 4.17 -18.09 18.53
CA LYS A 83 3.30 -18.24 19.70
C LYS A 83 2.43 -19.48 19.53
N THR A 84 2.23 -20.23 20.60
CA THR A 84 1.41 -21.42 20.53
C THR A 84 -0.07 -21.08 20.67
N ASP A 85 -0.91 -22.03 20.30
CA ASP A 85 -2.36 -21.92 20.47
C ASP A 85 -2.93 -20.68 19.79
N LEU A 86 -2.42 -20.36 18.61
CA LEU A 86 -2.98 -19.26 17.83
C LEU A 86 -4.13 -19.73 16.96
N ARG A 87 -5.07 -18.83 16.74
CA ARG A 87 -6.18 -19.10 15.82
C ARG A 87 -6.16 -18.10 14.68
N PHE A 88 -6.69 -18.50 13.54
CA PHE A 88 -6.74 -17.61 12.38
C PHE A 88 -8.14 -17.48 11.82
N GLN A 89 -8.48 -16.28 11.36
CA GLN A 89 -9.70 -16.10 10.59
C GLN A 89 -9.52 -16.74 9.23
N SER A 90 -10.58 -17.31 8.68
CA SER A 90 -10.44 -17.96 7.39
C SER A 90 -10.02 -16.96 6.32
N SER A 91 -10.42 -15.70 6.52
CA SER A 91 -10.05 -14.65 5.59
C SER A 91 -8.58 -14.25 5.73
N ALA A 92 -8.00 -14.52 6.90
CA ALA A 92 -6.60 -14.19 7.12
C ALA A 92 -5.73 -15.15 6.32
N VAL A 93 -6.20 -16.38 6.22
CA VAL A 93 -5.47 -17.39 5.45
C VAL A 93 -5.52 -17.06 3.98
N MET A 94 -6.69 -16.65 3.51
CA MET A 94 -6.85 -16.30 2.11
C MET A 94 -5.98 -15.10 1.77
N ALA A 95 -5.87 -14.16 2.71
CA ALA A 95 -5.04 -12.99 2.50
C ALA A 95 -3.58 -13.40 2.32
N LEU A 96 -3.15 -14.40 3.09
CA LEU A 96 -1.78 -14.88 2.98
C LEU A 96 -1.54 -15.60 1.65
N GLN A 97 -2.50 -16.42 1.24
CA GLN A 97 -2.35 -17.12 -0.02
C GLN A 97 -2.22 -16.15 -1.18
N GLU A 98 -3.04 -15.11 -1.16
CA GLU A 98 -3.06 -14.18 -2.27
C GLU A 98 -1.74 -13.45 -2.36
N ALA A 99 -1.22 -13.02 -1.22
CA ALA A 99 0.04 -12.30 -1.20
C ALA A 99 1.20 -13.21 -1.59
N CYS A 100 1.16 -14.46 -1.14
CA CYS A 100 2.25 -15.38 -1.39
C CYS A 100 2.34 -15.77 -2.85
N GLU A 101 1.20 -16.07 -3.47
CA GLU A 101 1.25 -16.45 -4.87
C GLU A 101 1.62 -15.27 -5.72
N ALA A 102 1.10 -14.09 -5.40
CA ALA A 102 1.44 -12.91 -6.17
C ALA A 102 2.94 -12.64 -6.07
N TYR A 103 3.49 -12.86 -4.88
CA TYR A 103 4.92 -12.67 -4.65
C TYR A 103 5.75 -13.64 -5.48
N LEU A 104 5.41 -14.92 -5.43
CA LEU A 104 6.20 -15.92 -6.14
C LEU A 104 6.08 -15.76 -7.64
N VAL A 105 4.91 -15.40 -8.12
CA VAL A 105 4.72 -15.24 -9.55
C VAL A 105 5.51 -14.06 -10.06
N GLY A 106 5.50 -12.96 -9.31
CA GLY A 106 6.30 -11.80 -9.69
C GLY A 106 7.78 -12.15 -9.69
N LEU A 107 8.19 -12.98 -8.74
CA LEU A 107 9.58 -13.39 -8.67
C LEU A 107 9.95 -14.28 -9.84
N PHE A 108 9.03 -15.16 -10.23
CA PHE A 108 9.26 -16.03 -11.37
C PHE A 108 9.40 -15.23 -12.65
N GLU A 109 8.60 -14.18 -12.79
CA GLU A 109 8.68 -13.34 -13.98
C GLU A 109 10.05 -12.69 -14.08
N ASP A 110 10.58 -12.21 -12.97
CA ASP A 110 11.91 -11.61 -12.97
C ASP A 110 12.98 -12.68 -13.17
N THR A 111 12.72 -13.87 -12.63
CA THR A 111 13.62 -14.99 -12.78
C THR A 111 13.72 -15.38 -14.26
N ASN A 112 12.58 -15.34 -14.94
CA ASN A 112 12.55 -15.68 -16.35
C ASN A 112 13.37 -14.69 -17.17
N LEU A 113 13.33 -13.43 -16.78
CA LEU A 113 14.08 -12.41 -17.50
C LEU A 113 15.58 -12.65 -17.33
N CYS A 114 15.98 -13.07 -16.14
CA CYS A 114 17.38 -13.36 -15.89
C CYS A 114 17.86 -14.51 -16.77
N ALA A 115 17.03 -15.55 -16.89
CA ALA A 115 17.39 -16.69 -17.69
C ALA A 115 17.52 -16.31 -19.16
N ILE A 116 16.66 -15.41 -19.62
CA ILE A 116 16.72 -14.96 -21.00
C ILE A 116 17.98 -14.15 -21.23
N HIS A 117 18.34 -13.32 -20.27
CA HIS A 117 19.56 -12.52 -20.35
C HIS A 117 20.78 -13.43 -20.44
N ALA A 118 20.70 -14.58 -19.79
CA ALA A 118 21.76 -15.57 -19.82
C ALA A 118 21.67 -16.42 -21.07
N LYS A 119 20.71 -16.08 -21.94
CA LYS A 119 20.46 -16.78 -23.18
C LYS A 119 20.06 -18.23 -22.93
N ARG A 120 19.21 -18.42 -21.92
CA ARG A 120 18.65 -19.71 -21.59
C ARG A 120 17.14 -19.66 -21.56
N VAL A 121 16.51 -20.82 -21.73
CA VAL A 121 15.07 -20.93 -21.60
C VAL A 121 14.72 -21.45 -20.20
N THR A 122 15.51 -22.41 -19.74
CA THR A 122 15.28 -23.04 -18.44
C THR A 122 15.74 -22.13 -17.31
N ILE A 123 14.90 -21.97 -16.30
CA ILE A 123 15.26 -21.16 -15.14
C ILE A 123 16.00 -21.99 -14.10
N MET A 124 17.06 -21.43 -13.55
CA MET A 124 17.89 -22.10 -12.57
C MET A 124 17.94 -21.28 -11.27
N PRO A 125 18.30 -21.88 -10.13
CA PRO A 125 18.44 -21.25 -8.83
C PRO A 125 19.33 -20.03 -8.93
N LYS A 126 20.25 -20.05 -9.89
CA LYS A 126 21.14 -18.93 -10.14
C LYS A 126 20.36 -17.69 -10.55
N ASP A 127 19.26 -17.91 -11.27
CA ASP A 127 18.45 -16.82 -11.78
C ASP A 127 17.57 -16.26 -10.68
N ILE A 128 17.12 -17.13 -9.78
CA ILE A 128 16.31 -16.69 -8.66
C ILE A 128 17.14 -15.86 -7.70
N GLN A 129 18.35 -16.33 -7.43
CA GLN A 129 19.21 -15.65 -6.49
C GLN A 129 19.62 -14.28 -7.01
N LEU A 130 19.81 -14.16 -8.32
CA LEU A 130 20.14 -12.86 -8.89
C LEU A 130 18.95 -11.91 -8.77
N ALA A 131 17.76 -12.40 -9.07
CA ALA A 131 16.58 -11.56 -9.01
C ALA A 131 16.34 -11.07 -7.59
N ARG A 132 16.60 -11.92 -6.61
CA ARG A 132 16.41 -11.55 -5.22
C ARG A 132 17.52 -10.60 -4.75
N ARG A 133 18.72 -10.80 -5.29
CA ARG A 133 19.85 -9.95 -4.94
C ARG A 133 19.64 -8.53 -5.44
N ILE A 134 19.10 -8.39 -6.64
CA ILE A 134 18.83 -7.07 -7.21
C ILE A 134 17.65 -6.41 -6.51
N ARG A 135 16.62 -7.19 -6.21
CA ARG A 135 15.48 -6.65 -5.48
C ARG A 135 15.90 -6.20 -4.08
N GLY A 136 16.90 -6.87 -3.52
CA GLY A 136 17.40 -6.52 -2.19
C GLY A 136 16.77 -7.34 -1.06
N GLU A 137 16.25 -8.53 -1.39
CA GLU A 137 15.60 -9.40 -0.42
C GLU A 137 16.59 -9.87 0.65
N VAL B 25 1.57 -29.70 17.41
CA VAL B 25 2.96 -29.76 16.94
C VAL B 25 2.99 -30.18 15.47
N LEU B 26 3.18 -29.21 14.58
CA LEU B 26 3.24 -29.46 13.14
C LEU B 26 4.67 -29.53 12.65
N ARG B 27 4.95 -30.46 11.74
CA ARG B 27 6.29 -30.60 11.19
C ARG B 27 6.27 -30.90 9.68
N ASP B 28 7.23 -30.31 8.97
CA ASP B 28 7.49 -30.60 7.57
C ASP B 28 6.26 -30.49 6.68
N ASN B 29 5.50 -29.41 6.82
CA ASN B 29 4.35 -29.20 5.95
C ASN B 29 4.74 -28.36 4.75
N ILE B 30 6.03 -28.07 4.62
CA ILE B 30 6.56 -27.38 3.45
C ILE B 30 6.43 -28.29 2.24
N GLN B 31 6.28 -29.58 2.49
CA GLN B 31 6.14 -30.56 1.43
C GLN B 31 4.73 -30.49 0.87
N GLY B 32 3.88 -29.70 1.52
CA GLY B 32 2.52 -29.50 1.07
C GLY B 32 2.52 -28.71 -0.22
N ILE B 33 3.63 -28.07 -0.52
CA ILE B 33 3.77 -27.36 -1.78
C ILE B 33 4.43 -28.29 -2.77
N THR B 34 3.61 -28.88 -3.64
CA THR B 34 4.06 -29.93 -4.53
C THR B 34 4.68 -29.35 -5.80
N LYS B 35 5.38 -30.19 -6.55
CA LYS B 35 6.04 -29.71 -7.76
C LYS B 35 5.06 -29.04 -8.73
N PRO B 36 3.89 -29.65 -9.03
CA PRO B 36 2.86 -29.10 -9.89
C PRO B 36 2.41 -27.72 -9.43
N ALA B 37 2.37 -27.50 -8.12
CA ALA B 37 1.94 -26.20 -7.62
C ALA B 37 2.97 -25.14 -7.98
N ILE B 38 4.24 -25.54 -7.92
CA ILE B 38 5.33 -24.65 -8.26
C ILE B 38 5.38 -24.45 -9.77
N ARG B 39 5.17 -25.53 -10.50
CA ARG B 39 5.16 -25.47 -11.95
C ARG B 39 4.08 -24.53 -12.44
N ARG B 40 2.90 -24.61 -11.84
CA ARG B 40 1.80 -23.76 -12.27
C ARG B 40 2.09 -22.29 -11.98
N LEU B 41 2.71 -22.01 -10.84
CA LEU B 41 3.07 -20.64 -10.51
C LEU B 41 4.09 -20.10 -11.51
N ALA B 42 5.07 -20.93 -11.84
CA ALA B 42 6.10 -20.51 -12.77
C ALA B 42 5.50 -20.28 -14.16
N ARG B 43 4.53 -21.12 -14.53
CA ARG B 43 3.90 -20.98 -15.84
C ARG B 43 3.09 -19.69 -15.93
N ARG B 44 2.43 -19.32 -14.85
CA ARG B 44 1.72 -18.04 -14.84
C ARG B 44 2.71 -16.91 -15.05
N GLY B 45 3.93 -17.09 -14.55
CA GLY B 45 4.98 -16.09 -14.67
C GLY B 45 5.60 -16.06 -16.06
N GLY B 46 5.19 -16.99 -16.92
CA GLY B 46 5.69 -17.03 -18.29
C GLY B 46 6.92 -17.93 -18.46
N VAL B 47 7.20 -18.77 -17.46
CA VAL B 47 8.33 -19.67 -17.54
C VAL B 47 8.01 -20.90 -18.39
N LYS B 48 8.86 -21.19 -19.37
CA LYS B 48 8.62 -22.31 -20.26
C LYS B 48 9.29 -23.60 -19.77
N ARG B 49 10.48 -23.47 -19.18
CA ARG B 49 11.20 -24.65 -18.68
C ARG B 49 11.74 -24.40 -17.29
N ILE B 50 11.65 -25.42 -16.44
CA ILE B 50 12.03 -25.30 -15.04
C ILE B 50 13.12 -26.30 -14.65
N SER B 51 14.21 -25.80 -14.10
CA SER B 51 15.26 -26.68 -13.58
C SER B 51 14.76 -27.46 -12.38
N GLY B 52 15.29 -28.67 -12.20
CA GLY B 52 14.84 -29.56 -11.14
C GLY B 52 15.24 -29.04 -9.76
N LEU B 53 16.15 -28.08 -9.73
CA LEU B 53 16.62 -27.53 -8.46
C LEU B 53 15.75 -26.36 -8.02
N ILE B 54 14.84 -25.94 -8.88
CA ILE B 54 13.97 -24.80 -8.60
C ILE B 54 13.02 -25.13 -7.48
N TYR B 55 12.51 -26.34 -7.48
CA TYR B 55 11.47 -26.71 -6.54
C TYR B 55 11.93 -26.55 -5.10
N GLU B 56 13.16 -26.95 -4.82
CA GLU B 56 13.70 -26.82 -3.47
C GLU B 56 14.00 -25.37 -3.14
N GLU B 57 14.53 -24.64 -4.13
CA GLU B 57 14.86 -23.23 -3.91
C GLU B 57 13.60 -22.42 -3.67
N THR B 58 12.54 -22.76 -4.41
CA THR B 58 11.27 -22.05 -4.31
C THR B 58 10.68 -22.21 -2.92
N ARG B 59 10.71 -23.42 -2.41
CA ARG B 59 10.17 -23.68 -1.08
C ARG B 59 10.92 -22.90 -0.02
N GLY B 60 12.24 -22.80 -0.18
CA GLY B 60 13.04 -22.05 0.77
C GLY B 60 12.64 -20.57 0.76
N VAL B 61 12.39 -20.03 -0.42
CA VAL B 61 12.01 -18.62 -0.54
C VAL B 61 10.64 -18.37 0.05
N LEU B 62 9.69 -19.26 -0.22
CA LEU B 62 8.35 -19.11 0.30
C LEU B 62 8.33 -19.15 1.81
N LYS B 63 9.10 -20.06 2.39
CA LYS B 63 9.13 -20.18 3.84
C LYS B 63 9.60 -18.87 4.47
N VAL B 64 10.61 -18.26 3.88
CA VAL B 64 11.12 -16.99 4.42
C VAL B 64 10.08 -15.89 4.30
N PHE B 65 9.40 -15.84 3.17
CA PHE B 65 8.38 -14.82 2.95
C PHE B 65 7.29 -14.94 3.99
N LEU B 66 6.80 -16.16 4.23
CA LEU B 66 5.76 -16.38 5.22
C LEU B 66 6.23 -16.03 6.62
N GLU B 67 7.47 -16.35 6.95
CA GLU B 67 7.96 -16.05 8.29
C GLU B 67 7.93 -14.56 8.56
N ASN B 68 8.28 -13.76 7.57
CA ASN B 68 8.33 -12.32 7.77
C ASN B 68 6.94 -11.72 7.89
N VAL B 69 6.00 -12.21 7.09
CA VAL B 69 4.64 -11.69 7.13
C VAL B 69 3.92 -12.14 8.38
N ILE B 70 4.08 -13.42 8.71
CA ILE B 70 3.42 -13.98 9.89
C ILE B 70 3.97 -13.35 11.15
N ARG B 71 5.28 -13.16 11.23
CA ARG B 71 5.87 -12.61 12.43
C ARG B 71 5.25 -11.25 12.76
N ASP B 72 5.03 -10.43 11.74
CA ASP B 72 4.42 -9.13 11.97
C ASP B 72 2.95 -9.26 12.30
N ALA B 73 2.25 -10.16 11.60
CA ALA B 73 0.82 -10.34 11.85
C ALA B 73 0.58 -10.81 13.26
N VAL B 74 1.45 -11.68 13.76
CA VAL B 74 1.35 -12.17 15.12
C VAL B 74 1.68 -11.07 16.11
N THR B 75 2.69 -10.27 15.79
CA THR B 75 3.07 -9.16 16.65
C THR B 75 1.92 -8.17 16.83
N TYR B 76 1.23 -7.87 15.74
CA TYR B 76 0.06 -7.00 15.82
C TYR B 76 -1.01 -7.62 16.70
N THR B 77 -1.21 -8.92 16.53
CA THR B 77 -2.23 -9.64 17.27
C THR B 77 -1.92 -9.64 18.77
N GLU B 78 -0.67 -9.88 19.11
CA GLU B 78 -0.25 -9.91 20.51
C GLU B 78 -0.39 -8.53 21.15
N HIS B 79 -0.03 -7.49 20.41
CA HIS B 79 -0.11 -6.13 20.93
C HIS B 79 -1.54 -5.78 21.34
N ALA B 80 -2.50 -6.27 20.55
CA ALA B 80 -3.91 -6.00 20.80
C ALA B 80 -4.46 -6.90 21.90
N LYS B 81 -3.60 -7.77 22.43
CA LYS B 81 -3.98 -8.74 23.45
C LYS B 81 -5.06 -9.68 22.92
N ARG B 82 -4.93 -10.07 21.66
CA ARG B 82 -5.83 -11.02 21.04
C ARG B 82 -5.08 -12.33 20.80
N LYS B 83 -5.83 -13.42 20.67
CA LYS B 83 -5.21 -14.70 20.41
C LYS B 83 -5.48 -15.14 18.97
N THR B 84 -6.46 -14.49 18.34
CA THR B 84 -6.83 -14.80 16.98
C THR B 84 -6.23 -13.77 16.02
N VAL B 85 -5.57 -14.27 15.00
CA VAL B 85 -5.01 -13.39 13.97
C VAL B 85 -6.10 -13.07 12.96
N THR B 86 -6.32 -11.79 12.72
CA THR B 86 -7.38 -11.37 11.82
C THR B 86 -6.83 -10.97 10.46
N ALA B 87 -7.72 -10.85 9.49
CA ALA B 87 -7.29 -10.48 8.15
C ALA B 87 -6.59 -9.14 8.15
N MET B 88 -7.05 -8.24 9.03
CA MET B 88 -6.46 -6.92 9.11
C MET B 88 -5.05 -6.94 9.65
N ASP B 89 -4.70 -8.00 10.36
CA ASP B 89 -3.36 -8.11 10.91
C ASP B 89 -2.42 -8.53 9.80
N VAL B 90 -2.95 -9.32 8.87
CA VAL B 90 -2.19 -9.72 7.69
C VAL B 90 -2.05 -8.55 6.74
N VAL B 91 -3.12 -7.78 6.59
CA VAL B 91 -3.09 -6.61 5.72
C VAL B 91 -2.07 -5.59 6.20
N TYR B 92 -2.01 -5.39 7.51
CA TYR B 92 -1.04 -4.46 8.07
C TYR B 92 0.37 -5.02 7.98
N ALA B 93 0.50 -6.33 8.15
CA ALA B 93 1.80 -6.96 8.05
C ALA B 93 2.34 -6.83 6.63
N LEU B 94 1.47 -6.91 5.64
CA LEU B 94 1.88 -6.78 4.26
C LEU B 94 2.09 -5.34 3.85
N LYS B 95 1.20 -4.45 4.29
CA LYS B 95 1.30 -3.04 3.97
C LYS B 95 2.62 -2.50 4.49
N ARG B 96 3.01 -2.97 5.66
CA ARG B 96 4.23 -2.55 6.32
C ARG B 96 5.48 -2.90 5.52
N GLN B 97 5.38 -3.89 4.64
CA GLN B 97 6.52 -4.35 3.88
C GLN B 97 6.54 -3.73 2.49
N GLY B 98 5.60 -2.82 2.24
CA GLY B 98 5.52 -2.16 0.95
C GLY B 98 4.73 -2.97 -0.06
N ARG B 99 3.93 -3.91 0.41
CA ARG B 99 3.11 -4.73 -0.48
C ARG B 99 1.65 -4.61 -0.10
N THR B 100 1.00 -3.53 -0.55
CA THR B 100 -0.39 -3.27 -0.20
C THR B 100 -1.31 -4.26 -0.89
N LEU B 101 -2.24 -4.82 -0.11
CA LEU B 101 -3.20 -5.79 -0.65
C LEU B 101 -4.61 -5.24 -0.64
N TYR B 102 -5.29 -5.33 -1.78
CA TYR B 102 -6.67 -4.85 -1.91
C TYR B 102 -7.68 -6.00 -1.87
N GLY B 103 -8.87 -5.71 -1.35
CA GLY B 103 -9.98 -6.64 -1.37
C GLY B 103 -10.20 -7.34 -0.03
N PHE B 104 -9.22 -7.24 0.86
CA PHE B 104 -9.33 -7.83 2.20
C PHE B 104 -9.47 -6.75 3.26
N GLY B 105 -9.65 -5.51 2.82
CA GLY B 105 -9.71 -4.38 3.74
C GLY B 105 -8.70 -3.31 3.31
N GLY B 106 -8.59 -2.25 4.11
CA GLY B 106 -7.69 -1.13 3.82
C GLY B 106 -7.05 -0.59 5.08
N GLY C 12 19.54 -2.11 35.90
CA GLY C 12 19.47 -0.66 35.88
C GLY C 12 20.29 -0.06 37.02
N LYS C 13 20.25 1.27 37.15
CA LYS C 13 20.95 1.98 38.22
C LYS C 13 20.26 1.77 39.56
N ALA C 14 21.04 1.62 40.62
CA ALA C 14 20.49 1.41 41.95
C ALA C 14 19.72 2.64 42.42
N ARG C 15 20.21 3.82 42.05
CA ARG C 15 19.61 5.07 42.52
C ARG C 15 20.01 6.25 41.65
N ALA C 16 19.28 7.35 41.81
CA ALA C 16 19.66 8.61 41.18
C ALA C 16 19.32 9.76 42.13
N LYS C 17 20.15 10.80 42.11
CA LYS C 17 19.94 11.95 42.98
C LYS C 17 19.46 13.17 42.19
N ALA C 18 19.83 13.24 40.93
CA ALA C 18 19.48 14.38 40.09
C ALA C 18 17.97 14.38 39.83
N LYS C 19 17.41 15.58 39.75
CA LYS C 19 15.98 15.73 39.49
C LYS C 19 15.62 15.34 38.06
N THR C 20 16.58 15.46 37.16
CA THR C 20 16.32 15.23 35.74
C THR C 20 15.78 13.82 35.52
N ARG C 21 14.70 13.72 34.74
CA ARG C 21 14.04 12.44 34.49
C ARG C 21 14.99 11.49 33.78
N SER C 22 15.85 12.04 32.94
CA SER C 22 16.84 11.24 32.23
C SER C 22 17.79 10.58 33.21
N SER C 23 18.13 11.29 34.28
CA SER C 23 19.03 10.75 35.30
C SER C 23 18.33 9.66 36.09
N ARG C 24 17.05 9.87 36.36
CA ARG C 24 16.27 8.87 37.09
C ARG C 24 16.20 7.56 36.34
N ALA C 25 16.10 7.64 35.02
CA ALA C 25 16.02 6.46 34.18
C ALA C 25 17.41 5.85 33.93
N GLY C 26 18.45 6.56 34.35
CA GLY C 26 19.82 6.11 34.11
C GLY C 26 20.23 6.32 32.65
N LEU C 27 19.63 7.29 31.99
CA LEU C 27 19.86 7.53 30.57
C LEU C 27 20.65 8.81 30.32
N GLN C 28 21.37 8.85 29.21
CA GLN C 28 22.08 10.05 28.80
C GLN C 28 21.21 10.92 27.90
N PHE C 29 20.34 10.28 27.12
CA PHE C 29 19.43 11.00 26.24
C PHE C 29 18.33 11.69 27.03
N PRO C 30 17.89 12.88 26.57
CA PRO C 30 16.94 13.76 27.21
C PRO C 30 15.52 13.26 27.11
N VAL C 31 14.98 12.83 28.24
CA VAL C 31 13.61 12.33 28.27
C VAL C 31 12.62 13.45 28.02
N GLY C 32 12.88 14.61 28.62
CA GLY C 32 11.98 15.74 28.49
C GLY C 32 11.81 16.18 27.04
N ARG C 33 12.90 16.15 26.27
CA ARG C 33 12.83 16.54 24.87
C ARG C 33 12.07 15.52 24.05
N VAL C 34 12.28 14.25 24.34
CA VAL C 34 11.57 13.21 23.63
C VAL C 34 10.08 13.33 23.90
N HIS C 35 9.72 13.61 25.15
CA HIS C 35 8.33 13.77 25.53
C HIS C 35 7.72 14.95 24.78
N ARG C 36 8.44 16.05 24.72
CA ARG C 36 7.94 17.23 24.02
C ARG C 36 7.70 16.95 22.55
N LEU C 37 8.66 16.28 21.91
CA LEU C 37 8.57 16.02 20.48
C LEU C 37 7.41 15.11 20.15
N LEU C 38 7.16 14.14 21.01
CA LEU C 38 6.05 13.22 20.79
C LEU C 38 4.72 13.97 20.84
N ARG C 39 4.66 15.01 21.67
CA ARG C 39 3.45 15.80 21.81
C ARG C 39 3.30 16.84 20.69
N LYS C 40 4.41 17.28 20.13
CA LYS C 40 4.35 18.28 19.06
C LYS C 40 4.18 17.63 17.70
N GLY C 41 4.55 16.36 17.57
CA GLY C 41 4.47 15.69 16.27
C GLY C 41 3.07 15.16 15.99
N ASN C 42 2.17 15.36 16.95
CA ASN C 42 0.78 14.93 16.81
C ASN C 42 0.69 13.44 16.50
N TYR C 43 1.52 12.64 17.16
CA TYR C 43 1.48 11.21 16.96
C TYR C 43 0.26 10.62 17.64
N SER C 44 -0.17 11.27 18.71
CA SER C 44 -1.37 10.88 19.43
C SER C 44 -1.89 12.05 20.24
N GLU C 45 -3.14 11.95 20.68
CA GLU C 45 -3.72 12.97 21.54
C GLU C 45 -3.02 13.02 22.89
N ARG C 46 -2.60 11.86 23.40
CA ARG C 46 -1.97 11.81 24.72
C ARG C 46 -0.73 10.91 24.70
N VAL C 47 0.29 11.30 25.47
CA VAL C 47 1.51 10.52 25.59
C VAL C 47 1.77 10.11 27.04
N GLY C 48 1.93 8.82 27.27
CA GLY C 48 2.15 8.29 28.61
C GLY C 48 3.51 8.71 29.17
N ALA C 49 3.60 8.85 30.47
CA ALA C 49 4.82 9.31 31.12
C ALA C 49 5.98 8.36 30.86
N GLY C 50 5.70 7.07 30.78
CA GLY C 50 6.74 6.08 30.56
C GLY C 50 7.14 5.95 29.10
N ALA C 51 6.35 6.56 28.22
CA ALA C 51 6.59 6.44 26.79
C ALA C 51 7.95 7.03 26.38
N PRO C 52 8.28 8.29 26.68
CA PRO C 52 9.52 8.95 26.31
C PRO C 52 10.71 8.32 27.03
N VAL C 53 10.46 7.67 28.16
CA VAL C 53 11.53 7.01 28.88
C VAL C 53 11.96 5.77 28.14
N TYR C 54 10.98 4.98 27.70
CA TYR C 54 11.28 3.78 26.95
C TYR C 54 11.97 4.14 25.64
N LEU C 55 11.44 5.17 24.97
CA LEU C 55 11.97 5.55 23.67
C LEU C 55 13.37 6.12 23.78
N ALA C 56 13.63 6.94 24.80
CA ALA C 56 14.95 7.52 24.96
C ALA C 56 15.98 6.42 25.17
N ALA C 57 15.59 5.37 25.89
CA ALA C 57 16.50 4.25 26.13
C ALA C 57 16.85 3.55 24.84
N VAL C 58 15.89 3.44 23.94
CA VAL C 58 16.11 2.75 22.67
C VAL C 58 17.02 3.57 21.77
N LEU C 59 16.80 4.87 21.72
CA LEU C 59 17.61 5.73 20.88
C LEU C 59 19.05 5.72 21.36
N GLU C 60 19.23 5.71 22.67
CA GLU C 60 20.56 5.68 23.25
C GLU C 60 21.25 4.36 22.95
N TYR C 61 20.52 3.26 23.08
CA TYR C 61 21.08 1.96 22.82
C TYR C 61 21.60 1.84 21.39
N LEU C 62 20.77 2.23 20.44
CA LEU C 62 21.15 2.14 19.04
C LEU C 62 22.32 3.06 18.74
N THR C 63 22.31 4.23 19.36
CA THR C 63 23.39 5.19 19.18
C THR C 63 24.71 4.59 19.64
N ALA C 64 24.68 3.93 20.80
CA ALA C 64 25.87 3.33 21.36
C ALA C 64 26.42 2.22 20.46
N GLU C 65 25.53 1.46 19.84
CA GLU C 65 25.97 0.35 19.00
C GLU C 65 26.73 0.84 17.77
N ILE C 66 26.24 1.91 17.17
CA ILE C 66 26.89 2.46 16.00
C ILE C 66 28.22 3.09 16.36
N LEU C 67 28.23 3.85 17.46
CA LEU C 67 29.45 4.52 17.88
C LEU C 67 30.53 3.53 18.26
N GLU C 68 30.13 2.42 18.88
CA GLU C 68 31.11 1.43 19.28
C GLU C 68 31.78 0.82 18.06
N LEU C 69 30.99 0.48 17.06
CA LEU C 69 31.53 -0.11 15.84
C LEU C 69 32.34 0.91 15.05
N ALA C 70 31.86 2.14 15.01
CA ALA C 70 32.57 3.19 14.29
C ALA C 70 33.89 3.50 14.98
N GLY C 71 33.89 3.44 16.31
CA GLY C 71 35.11 3.66 17.07
C GLY C 71 36.12 2.57 16.78
N ASN C 72 35.64 1.33 16.63
CA ASN C 72 36.53 0.23 16.30
C ASN C 72 37.10 0.41 14.91
N ALA C 73 36.27 0.89 13.99
CA ALA C 73 36.73 1.13 12.64
C ALA C 73 37.82 2.19 12.63
N ALA C 74 37.67 3.20 13.48
CA ALA C 74 38.67 4.26 13.55
C ALA C 74 39.99 3.69 14.06
N ARG C 75 39.92 2.78 15.03
CA ARG C 75 41.11 2.17 15.58
C ARG C 75 41.79 1.27 14.55
N ASP C 76 40.98 0.57 13.76
CA ASP C 76 41.51 -0.31 12.73
C ASP C 76 42.25 0.46 11.65
N ASN C 77 41.83 1.71 11.45
CA ASN C 77 42.46 2.57 10.45
C ASN C 77 43.51 3.47 11.09
N LYS C 78 43.85 3.19 12.35
CA LYS C 78 44.84 3.95 13.08
C LYS C 78 44.52 5.44 13.15
N LYS C 79 43.25 5.75 13.36
CA LYS C 79 42.82 7.13 13.51
C LYS C 79 42.16 7.32 14.87
N THR C 80 42.23 8.53 15.41
CA THR C 80 41.68 8.80 16.73
C THR C 80 40.35 9.54 16.65
N ARG C 81 39.85 9.71 15.43
CA ARG C 81 38.60 10.45 15.23
C ARG C 81 37.67 9.69 14.30
N ILE C 82 36.40 9.66 14.65
CA ILE C 82 35.39 9.05 13.80
C ILE C 82 34.99 9.98 12.65
N ILE C 83 35.05 9.44 11.43
CA ILE C 83 34.66 10.18 10.25
C ILE C 83 33.57 9.38 9.50
N PRO C 84 32.83 10.00 8.58
CA PRO C 84 31.73 9.42 7.83
C PRO C 84 32.11 8.09 7.20
N ARG C 85 33.37 7.95 6.82
CA ARG C 85 33.85 6.71 6.25
C ARG C 85 33.72 5.58 7.26
N HIS C 86 33.99 5.88 8.52
CA HIS C 86 33.94 4.88 9.58
C HIS C 86 32.51 4.49 9.87
N LEU C 87 31.62 5.47 9.79
CA LEU C 87 30.21 5.19 10.02
C LEU C 87 29.68 4.28 8.93
N GLN C 88 30.09 4.51 7.69
CA GLN C 88 29.65 3.66 6.60
C GLN C 88 30.13 2.23 6.80
N LEU C 89 31.37 2.08 7.22
CA LEU C 89 31.91 0.76 7.46
C LEU C 89 31.21 0.08 8.63
N ALA C 90 30.90 0.86 9.67
CA ALA C 90 30.26 0.34 10.86
C ALA C 90 28.88 -0.24 10.53
N ILE C 91 28.18 0.39 9.61
CA ILE C 91 26.83 -0.06 9.26
C ILE C 91 26.85 -1.22 8.30
N ARG C 92 27.67 -1.11 7.26
CA ARG C 92 27.61 -2.09 6.18
C ARG C 92 28.27 -3.42 6.55
N ASN C 93 29.09 -3.41 7.59
CA ASN C 93 29.73 -4.64 8.05
C ASN C 93 28.95 -5.30 9.19
N ASP C 94 27.77 -4.77 9.49
CA ASP C 94 26.92 -5.30 10.56
C ASP C 94 25.54 -5.65 10.01
N GLU C 95 25.19 -6.92 10.04
CA GLU C 95 23.95 -7.37 9.40
C GLU C 95 22.71 -6.68 9.93
N GLU C 96 22.60 -6.54 11.24
CA GLU C 96 21.40 -5.96 11.82
C GLU C 96 21.27 -4.48 11.47
N LEU C 97 22.36 -3.75 11.53
CA LEU C 97 22.34 -2.34 11.20
C LEU C 97 22.20 -2.13 9.70
N ASN C 98 22.76 -3.05 8.91
CA ASN C 98 22.68 -2.93 7.47
C ASN C 98 21.25 -3.15 6.99
N LYS C 99 20.50 -3.99 7.70
CA LYS C 99 19.10 -4.18 7.36
C LYS C 99 18.28 -2.97 7.77
N LEU C 100 18.59 -2.41 8.93
CA LEU C 100 17.86 -1.25 9.46
C LEU C 100 18.09 -0.01 8.61
N LEU C 101 19.34 0.22 8.22
CA LEU C 101 19.71 1.42 7.49
C LEU C 101 20.13 1.09 6.06
N GLY C 102 19.66 -0.03 5.54
CA GLY C 102 20.10 -0.51 4.24
C GLY C 102 19.83 0.46 3.10
N ARG C 103 18.73 1.22 3.22
CA ARG C 103 18.35 2.15 2.17
C ARG C 103 18.94 3.54 2.36
N VAL C 104 19.68 3.73 3.45
CA VAL C 104 20.23 5.03 3.78
C VAL C 104 21.52 5.34 3.05
N THR C 105 21.61 6.55 2.51
CA THR C 105 22.84 7.03 1.90
C THR C 105 23.58 7.92 2.87
N ILE C 106 24.85 7.59 3.11
CA ILE C 106 25.66 8.36 4.03
C ILE C 106 26.65 9.23 3.29
N ALA C 107 26.55 10.54 3.49
CA ALA C 107 27.39 11.47 2.76
C ALA C 107 28.86 11.20 3.02
N GLN C 108 29.63 11.11 1.96
CA GLN C 108 31.07 10.89 2.03
C GLN C 108 31.41 9.59 2.75
N GLY C 109 30.46 8.65 2.74
CA GLY C 109 30.69 7.36 3.38
C GLY C 109 31.53 6.43 2.51
N GLY C 110 31.43 6.60 1.20
CA GLY C 110 32.09 5.72 0.26
C GLY C 110 31.37 4.38 0.20
N VAL C 111 32.08 3.35 -0.27
CA VAL C 111 31.53 2.00 -0.39
C VAL C 111 32.47 0.98 0.21
N LEU C 112 31.96 -0.22 0.48
CA LEU C 112 32.82 -1.30 0.92
C LEU C 112 33.77 -1.72 -0.20
N PRO C 113 35.00 -2.11 0.14
CA PRO C 113 36.04 -2.58 -0.76
C PRO C 113 35.77 -4.01 -1.20
N ASN C 114 34.67 -4.20 -1.90
CA ASN C 114 34.25 -5.53 -2.32
C ASN C 114 34.85 -5.93 -3.66
N ILE C 115 35.75 -6.90 -3.63
CA ILE C 115 36.38 -7.42 -4.83
C ILE C 115 35.94 -8.85 -5.06
N GLN C 116 35.39 -9.12 -6.25
CA GLN C 116 34.90 -10.46 -6.57
C GLN C 116 36.00 -11.29 -7.22
N ALA C 117 35.96 -12.59 -7.00
CA ALA C 117 36.98 -13.51 -7.52
C ALA C 117 37.01 -13.49 -9.05
N VAL C 118 35.87 -13.22 -9.66
CA VAL C 118 35.76 -13.21 -11.12
C VAL C 118 36.56 -12.07 -11.74
N LEU C 119 36.91 -11.10 -10.90
CA LEU C 119 37.68 -9.95 -11.36
C LEU C 119 39.20 -10.22 -11.38
N LEU C 120 39.63 -11.29 -10.70
CA LEU C 120 41.04 -11.59 -10.53
C LEU C 120 41.49 -12.66 -11.52
N SER D 36 17.00 33.14 17.61
CA SER D 36 16.98 31.95 16.76
C SER D 36 17.92 30.87 17.34
N ARG D 37 17.36 29.68 17.58
CA ARG D 37 18.11 28.54 18.13
C ARG D 37 17.84 27.27 17.34
N LYS D 38 18.89 26.52 17.04
CA LYS D 38 18.73 25.24 16.35
C LYS D 38 19.07 24.09 17.29
N GLU D 39 18.10 23.20 17.50
CA GLU D 39 18.29 22.09 18.43
C GLU D 39 18.90 20.89 17.75
N SER D 40 19.69 20.13 18.52
CA SER D 40 20.33 18.91 18.03
C SER D 40 20.60 17.95 19.18
N TYR D 41 21.02 16.74 18.84
CA TYR D 41 21.36 15.73 19.84
C TYR D 41 22.86 15.53 19.95
N SER D 42 23.62 16.43 19.35
CA SER D 42 25.06 16.25 19.25
C SER D 42 25.74 16.13 20.61
N ILE D 43 25.18 16.77 21.62
CA ILE D 43 25.77 16.70 22.94
C ILE D 43 25.59 15.32 23.56
N TYR D 44 24.48 14.67 23.24
CA TYR D 44 24.19 13.38 23.83
C TYR D 44 24.92 12.27 23.10
N VAL D 45 25.09 12.47 21.79
CA VAL D 45 25.85 11.52 21.00
C VAL D 45 27.29 11.56 21.45
N TYR D 46 27.78 12.76 21.71
CA TYR D 46 29.14 12.95 22.20
C TYR D 46 29.35 12.23 23.52
N LYS D 47 28.40 12.40 24.45
CA LYS D 47 28.51 11.76 25.74
C LYS D 47 28.51 10.24 25.64
N VAL D 48 27.71 9.68 24.74
CA VAL D 48 27.70 8.24 24.60
C VAL D 48 29.04 7.75 24.10
N LEU D 49 29.62 8.44 23.12
CA LEU D 49 30.91 8.05 22.59
C LEU D 49 31.97 8.14 23.67
N LYS D 50 31.87 9.18 24.49
CA LYS D 50 32.82 9.39 25.57
C LYS D 50 32.81 8.22 26.55
N GLN D 51 31.65 7.61 26.76
CA GLN D 51 31.56 6.46 27.66
C GLN D 51 32.05 5.18 27.01
N VAL D 52 31.87 5.06 25.70
CA VAL D 52 32.24 3.82 25.01
C VAL D 52 33.71 3.80 24.60
N HIS D 53 34.19 4.89 24.02
CA HIS D 53 35.58 5.01 23.57
C HIS D 53 36.16 6.36 23.99
N PRO D 54 36.54 6.50 25.27
CA PRO D 54 36.90 7.74 25.94
C PRO D 54 38.06 8.47 25.26
N ASP D 55 38.87 7.73 24.51
CA ASP D 55 40.02 8.29 23.84
C ASP D 55 39.77 8.63 22.37
N THR D 56 38.53 8.46 21.93
CA THR D 56 38.18 8.69 20.53
C THR D 56 37.33 9.94 20.35
N GLY D 57 37.74 10.79 19.41
CA GLY D 57 36.98 11.99 19.09
C GLY D 57 36.02 11.73 17.94
N ILE D 58 35.21 12.73 17.59
CA ILE D 58 34.28 12.59 16.49
C ILE D 58 34.28 13.82 15.61
N SER D 59 34.29 13.61 14.29
CA SER D 59 34.26 14.73 13.35
C SER D 59 32.89 15.37 13.31
N SER D 60 32.84 16.63 12.87
CA SER D 60 31.58 17.35 12.76
C SER D 60 30.68 16.76 11.69
N LYS D 61 31.28 16.19 10.64
CA LYS D 61 30.49 15.57 9.59
C LYS D 61 29.88 14.28 10.10
N ALA D 62 30.66 13.52 10.88
CA ALA D 62 30.15 12.30 11.47
C ALA D 62 29.03 12.62 12.45
N MET D 63 29.17 13.73 13.15
CA MET D 63 28.16 14.15 14.11
C MET D 63 26.86 14.52 13.41
N GLY D 64 26.97 15.19 12.27
CA GLY D 64 25.79 15.56 11.50
C GLY D 64 25.04 14.33 11.04
N ILE D 65 25.80 13.28 10.71
CA ILE D 65 25.21 12.02 10.29
C ILE D 65 24.53 11.33 11.46
N MET D 66 25.19 11.32 12.60
CA MET D 66 24.60 10.71 13.80
C MET D 66 23.35 11.46 14.23
N ASN D 67 23.35 12.77 14.05
CA ASN D 67 22.19 13.55 14.44
C ASN D 67 20.99 13.21 13.57
N SER D 68 21.23 13.04 12.26
CA SER D 68 20.15 12.65 11.36
C SER D 68 19.70 11.23 11.64
N PHE D 69 20.63 10.39 12.06
CA PHE D 69 20.28 9.01 12.42
C PHE D 69 19.27 9.00 13.56
N VAL D 70 19.55 9.78 14.60
CA VAL D 70 18.65 9.81 15.74
C VAL D 70 17.27 10.31 15.35
N ASN D 71 17.24 11.35 14.51
CA ASN D 71 15.96 11.90 14.09
C ASN D 71 15.17 10.91 13.25
N ASP D 72 15.87 10.10 12.46
CA ASP D 72 15.20 9.14 11.59
C ASP D 72 14.60 8.02 12.42
N ILE D 73 15.36 7.50 13.38
CA ILE D 73 14.84 6.43 14.21
C ILE D 73 13.69 6.92 15.07
N PHE D 74 13.81 8.13 15.59
CA PHE D 74 12.74 8.71 16.38
C PHE D 74 11.45 8.75 15.58
N GLU D 75 11.53 9.26 14.35
CA GLU D 75 10.35 9.37 13.51
C GLU D 75 9.76 8.00 13.20
N ARG D 76 10.62 7.03 12.93
CA ARG D 76 10.13 5.70 12.57
C ARG D 76 9.35 5.07 13.71
N ILE D 77 9.89 5.17 14.93
CA ILE D 77 9.23 4.57 16.07
C ILE D 77 7.98 5.33 16.45
N ALA D 78 8.08 6.64 16.48
CA ALA D 78 6.94 7.47 16.82
C ALA D 78 5.82 7.28 15.78
N GLY D 79 6.22 7.15 14.52
CA GLY D 79 5.25 6.93 13.45
C GLY D 79 4.56 5.59 13.58
N GLU D 80 5.35 4.55 13.87
CA GLU D 80 4.80 3.21 14.02
C GLU D 80 3.89 3.15 15.24
N ALA D 81 4.30 3.81 16.32
CA ALA D 81 3.51 3.84 17.53
C ALA D 81 2.18 4.54 17.29
N SER D 82 2.21 5.59 16.46
CA SER D 82 0.99 6.30 16.11
C SER D 82 0.05 5.41 15.34
N ARG D 83 0.59 4.65 14.41
CA ARG D 83 -0.22 3.73 13.62
C ARG D 83 -0.83 2.65 14.48
N LEU D 84 -0.08 2.15 15.45
CA LEU D 84 -0.59 1.13 16.35
C LEU D 84 -1.73 1.67 17.19
N ALA D 85 -1.58 2.89 17.69
CA ALA D 85 -2.64 3.49 18.48
C ALA D 85 -3.88 3.70 17.63
N HIS D 86 -3.69 4.10 16.37
CA HIS D 86 -4.81 4.33 15.48
C HIS D 86 -5.50 3.03 15.13
N TYR D 87 -4.71 1.99 14.87
CA TYR D 87 -5.23 0.70 14.46
C TYR D 87 -6.01 0.03 15.56
N ASN D 88 -5.67 0.37 16.81
CA ASN D 88 -6.38 -0.16 17.97
C ASN D 88 -7.33 0.88 18.52
N LYS D 89 -7.53 1.96 17.79
CA LYS D 89 -8.46 3.02 18.19
C LYS D 89 -8.25 3.46 19.64
N ARG D 90 -6.98 3.67 19.98
CA ARG D 90 -6.59 4.21 21.28
C ARG D 90 -5.97 5.58 21.09
N SER D 91 -6.04 6.43 22.10
CA SER D 91 -5.58 7.80 21.95
C SER D 91 -4.31 8.08 22.75
N THR D 92 -3.92 7.15 23.62
CA THR D 92 -2.73 7.34 24.43
C THR D 92 -1.61 6.38 24.02
N ILE D 93 -0.43 6.92 23.78
CA ILE D 93 0.75 6.11 23.51
C ILE D 93 1.47 5.77 24.80
N THR D 94 1.71 4.49 25.03
CA THR D 94 2.41 4.03 26.21
C THR D 94 3.63 3.21 25.81
N SER D 95 4.33 2.69 26.80
CA SER D 95 5.51 1.88 26.52
C SER D 95 5.15 0.63 25.74
N ARG D 96 3.88 0.19 25.81
CA ARG D 96 3.50 -1.01 25.10
C ARG D 96 3.53 -0.81 23.59
N GLU D 97 3.07 0.35 23.13
CA GLU D 97 3.09 0.65 21.70
C GLU D 97 4.51 0.82 21.21
N ILE D 98 5.34 1.45 22.01
CA ILE D 98 6.72 1.65 21.63
C ILE D 98 7.46 0.33 21.59
N GLN D 99 7.24 -0.50 22.61
CA GLN D 99 7.87 -1.82 22.65
C GLN D 99 7.48 -2.62 21.43
N THR D 100 6.21 -2.53 21.04
CA THR D 100 5.75 -3.23 19.85
C THR D 100 6.41 -2.68 18.60
N ALA D 101 6.51 -1.36 18.53
CA ALA D 101 7.13 -0.72 17.38
C ALA D 101 8.59 -1.13 17.26
N VAL D 102 9.26 -1.28 18.38
CA VAL D 102 10.66 -1.69 18.38
C VAL D 102 10.79 -3.11 17.86
N ARG D 103 9.90 -4.00 18.29
CA ARG D 103 9.94 -5.38 17.84
C ARG D 103 9.73 -5.46 16.34
N LEU D 104 8.91 -4.57 15.80
CA LEU D 104 8.65 -4.55 14.37
C LEU D 104 9.80 -3.90 13.59
N LEU D 105 10.31 -2.79 14.09
CA LEU D 105 11.31 -2.01 13.36
C LEU D 105 12.72 -2.59 13.39
N LEU D 106 13.14 -3.13 14.53
CA LEU D 106 14.48 -3.68 14.62
C LEU D 106 14.47 -5.18 14.34
N PRO D 107 15.47 -5.69 13.62
CA PRO D 107 15.72 -7.08 13.34
C PRO D 107 16.41 -7.82 14.47
N GLY D 108 16.15 -9.12 14.56
CA GLY D 108 17.01 -10.08 15.27
C GLY D 108 17.32 -9.71 16.71
N GLU D 109 18.61 -9.86 17.05
CA GLU D 109 19.12 -9.58 18.39
C GLU D 109 19.04 -8.10 18.72
N LEU D 110 19.21 -7.26 17.72
CA LEU D 110 19.22 -5.83 17.96
C LEU D 110 17.91 -5.41 18.59
N ALA D 111 16.82 -6.01 18.10
CA ALA D 111 15.50 -5.76 18.67
C ALA D 111 15.42 -6.28 20.10
N LYS D 112 15.97 -7.47 20.32
CA LYS D 112 15.89 -8.10 21.62
C LYS D 112 16.57 -7.25 22.68
N HIS D 113 17.73 -6.73 22.34
CA HIS D 113 18.49 -5.93 23.29
C HIS D 113 17.83 -4.58 23.52
N ALA D 114 17.27 -3.99 22.47
CA ALA D 114 16.60 -2.70 22.59
C ALA D 114 15.41 -2.81 23.52
N VAL D 115 14.68 -3.93 23.42
CA VAL D 115 13.52 -4.14 24.27
C VAL D 115 13.94 -4.28 25.73
N SER D 116 15.02 -5.02 25.96
CA SER D 116 15.52 -5.22 27.31
C SER D 116 15.95 -3.89 27.93
N GLU D 117 16.64 -3.07 27.14
CA GLU D 117 17.10 -1.77 27.63
C GLU D 117 15.93 -0.84 27.91
N GLY D 118 14.93 -0.87 27.03
CA GLY D 118 13.75 -0.03 27.22
C GLY D 118 13.00 -0.45 28.48
N THR D 119 12.85 -1.74 28.67
CA THR D 119 12.15 -2.27 29.82
C THR D 119 12.88 -1.90 31.10
N LYS D 120 14.20 -2.02 31.05
CA LYS D 120 15.05 -1.72 32.20
C LYS D 120 14.95 -0.26 32.59
N ALA D 121 14.99 0.63 31.60
CA ALA D 121 14.94 2.06 31.86
C ALA D 121 13.63 2.46 32.51
N VAL D 122 12.53 1.90 32.01
CA VAL D 122 11.23 2.23 32.57
C VAL D 122 11.07 1.66 33.96
N THR D 123 11.52 0.43 34.15
CA THR D 123 11.37 -0.22 35.44
C THR D 123 12.13 0.55 36.51
N LYS D 124 13.36 0.96 36.19
CA LYS D 124 14.16 1.72 37.14
C LYS D 124 13.60 3.11 37.35
N TYR D 125 13.06 3.69 36.29
CA TYR D 125 12.50 5.04 36.35
C TYR D 125 11.33 5.13 37.32
N THR D 126 10.42 4.16 37.23
CA THR D 126 9.23 4.18 38.06
C THR D 126 9.49 3.61 39.45
N SER D 127 10.54 2.80 39.58
CA SER D 127 10.90 2.23 40.86
C SER D 127 11.41 3.31 41.82
N ALA D 128 11.07 3.17 43.10
CA ALA D 128 11.52 4.10 44.14
C ALA D 128 13.00 3.90 44.44
N HIS E 43 58.62 -0.52 -19.89
CA HIS E 43 57.76 -1.42 -19.15
C HIS E 43 56.29 -1.04 -19.33
N ARG E 44 55.43 -2.05 -19.44
CA ARG E 44 53.98 -1.88 -19.56
C ARG E 44 53.25 -2.92 -18.73
N TYR E 45 52.13 -2.54 -18.14
CA TYR E 45 51.31 -3.46 -17.36
C TYR E 45 50.35 -4.25 -18.24
N ARG E 46 50.09 -5.49 -17.84
CA ARG E 46 49.10 -6.31 -18.52
C ARG E 46 47.71 -5.69 -18.31
N PRO E 47 46.86 -5.65 -19.34
CA PRO E 47 45.50 -5.14 -19.31
C PRO E 47 44.71 -5.79 -18.18
N GLY E 48 43.99 -4.97 -17.43
CA GLY E 48 43.22 -5.44 -16.29
C GLY E 48 43.96 -5.20 -14.98
N THR E 49 45.26 -4.99 -15.08
CA THR E 49 46.07 -4.71 -13.89
C THR E 49 45.70 -3.36 -13.31
N VAL E 50 45.52 -2.39 -14.20
CA VAL E 50 45.17 -1.04 -13.79
C VAL E 50 43.72 -0.98 -13.36
N ALA E 51 42.86 -1.70 -14.07
CA ALA E 51 41.43 -1.70 -13.73
C ALA E 51 41.25 -2.15 -12.29
N LEU E 52 41.99 -3.17 -11.87
CA LEU E 52 41.90 -3.64 -10.50
C LEU E 52 42.45 -2.59 -9.54
N ARG E 53 43.52 -1.92 -9.97
CA ARG E 53 44.11 -0.86 -9.16
C ARG E 53 43.12 0.27 -8.95
N GLU E 54 42.41 0.64 -10.01
CA GLU E 54 41.42 1.71 -9.93
C GLU E 54 40.23 1.30 -9.11
N ILE E 55 39.79 0.05 -9.22
CA ILE E 55 38.65 -0.39 -8.44
C ILE E 55 38.97 -0.31 -6.96
N ARG E 56 40.15 -0.78 -6.59
CA ARG E 56 40.57 -0.72 -5.20
C ARG E 56 40.74 0.72 -4.73
N ARG E 57 41.31 1.56 -5.60
CA ARG E 57 41.57 2.95 -5.25
C ARG E 57 40.29 3.75 -5.04
N TYR E 58 39.31 3.55 -5.90
CA TYR E 58 38.08 4.33 -5.82
C TYR E 58 37.14 3.78 -4.75
N GLN E 59 37.24 2.50 -4.45
CA GLN E 59 36.45 1.94 -3.36
C GLN E 59 36.99 2.41 -2.01
N LYS E 60 38.30 2.60 -1.93
CA LYS E 60 38.94 3.09 -0.71
C LYS E 60 38.63 4.56 -0.46
N SER E 61 38.58 5.35 -1.54
CA SER E 61 38.41 6.79 -1.42
C SER E 61 36.94 7.18 -1.24
N THR E 62 36.70 8.41 -0.76
CA THR E 62 35.34 8.87 -0.53
C THR E 62 34.96 10.14 -1.30
N GLU E 63 35.90 10.72 -2.04
CA GLU E 63 35.64 11.99 -2.71
C GLU E 63 34.69 11.83 -3.88
N LEU E 64 34.07 12.93 -4.28
CA LEU E 64 33.17 12.97 -5.42
C LEU E 64 33.93 12.75 -6.71
N LEU E 65 33.28 12.06 -7.65
CA LEU E 65 33.92 11.72 -8.91
C LEU E 65 33.48 12.67 -10.02
N ILE E 66 32.29 13.23 -9.87
CA ILE E 66 31.79 14.20 -10.84
C ILE E 66 32.14 15.61 -10.40
N ARG E 67 32.70 16.33 -11.37
CA ARG E 67 33.13 17.71 -11.10
C ARG E 67 31.90 18.55 -10.74
N LYS E 68 32.03 19.52 -9.85
CA LYS E 68 30.89 20.28 -9.35
C LYS E 68 30.32 21.28 -10.36
N LEU E 69 31.18 21.99 -11.07
CA LEU E 69 30.69 23.04 -11.94
C LEU E 69 29.74 22.56 -13.05
N PRO E 70 30.12 21.54 -13.87
CA PRO E 70 29.26 20.96 -14.88
C PRO E 70 28.06 20.26 -14.27
N PHE E 71 28.20 19.77 -13.05
CA PHE E 71 27.06 19.17 -12.38
C PHE E 71 26.03 20.25 -12.09
N GLN E 72 26.49 21.38 -11.59
CA GLN E 72 25.61 22.50 -11.32
C GLN E 72 24.87 22.93 -12.57
N ARG E 73 25.58 22.98 -13.69
CA ARG E 73 24.96 23.41 -14.93
C ARG E 73 23.85 22.43 -15.34
N LEU E 74 24.08 21.14 -15.12
CA LEU E 74 23.08 20.14 -15.45
C LEU E 74 21.85 20.28 -14.56
N VAL E 75 22.07 20.50 -13.27
CA VAL E 75 20.96 20.65 -12.34
C VAL E 75 20.13 21.88 -12.68
N ARG E 76 20.81 22.97 -13.00
CA ARG E 76 20.13 24.19 -13.33
C ARG E 76 19.34 24.06 -14.63
N GLU E 77 19.90 23.37 -15.61
CA GLU E 77 19.20 23.20 -16.88
C GLU E 77 17.88 22.48 -16.68
N ILE E 78 17.89 21.43 -15.87
CA ILE E 78 16.68 20.67 -15.60
C ILE E 78 15.67 21.50 -14.81
N ALA E 79 16.16 22.21 -13.81
CA ALA E 79 15.29 23.00 -12.96
C ALA E 79 14.55 24.06 -13.77
N GLN E 80 15.21 24.60 -14.80
CA GLN E 80 14.63 25.65 -15.63
C GLN E 80 13.44 25.14 -16.44
N ASP E 81 13.31 23.83 -16.58
CA ASP E 81 12.20 23.28 -17.33
C ASP E 81 10.95 23.24 -16.47
N PHE E 82 11.11 22.91 -15.20
CA PHE E 82 9.97 22.86 -14.30
C PHE E 82 9.47 24.26 -13.97
N LYS E 83 10.41 25.14 -13.62
CA LYS E 83 10.07 26.53 -13.37
C LYS E 83 11.28 27.42 -13.60
N THR E 84 11.06 28.59 -14.17
CA THR E 84 12.16 29.49 -14.51
C THR E 84 12.58 30.35 -13.33
N ASP E 85 13.79 30.89 -13.43
CA ASP E 85 14.33 31.84 -12.45
C ASP E 85 14.41 31.25 -11.04
N LEU E 86 14.78 29.98 -10.95
CA LEU E 86 14.97 29.34 -9.65
C LEU E 86 16.39 29.52 -9.16
N ARG E 87 16.56 29.54 -7.84
CA ARG E 87 17.88 29.58 -7.25
C ARG E 87 18.11 28.37 -6.37
N PHE E 88 19.38 28.00 -6.19
CA PHE E 88 19.72 26.86 -5.34
C PHE E 88 20.76 27.23 -4.30
N GLN E 89 20.61 26.66 -3.11
CA GLN E 89 21.65 26.74 -2.09
C GLN E 89 22.76 25.76 -2.44
N SER E 90 23.99 26.11 -2.12
CA SER E 90 25.11 25.25 -2.45
C SER E 90 25.00 23.90 -1.76
N SER E 91 24.35 23.89 -0.60
CA SER E 91 24.15 22.64 0.12
C SER E 91 23.11 21.77 -0.56
N ALA E 92 22.20 22.38 -1.31
CA ALA E 92 21.18 21.64 -2.02
C ALA E 92 21.80 20.91 -3.21
N VAL E 93 22.77 21.56 -3.84
CA VAL E 93 23.45 20.97 -4.98
C VAL E 93 24.31 19.81 -4.53
N MET E 94 25.01 19.99 -3.42
CA MET E 94 25.84 18.93 -2.88
C MET E 94 24.98 17.72 -2.50
N ALA E 95 23.81 17.99 -1.94
CA ALA E 95 22.90 16.91 -1.57
C ALA E 95 22.46 16.14 -2.80
N LEU E 96 22.23 16.85 -3.90
CA LEU E 96 21.82 16.19 -5.12
C LEU E 96 22.94 15.33 -5.69
N GLN E 97 24.16 15.86 -5.67
CA GLN E 97 25.26 15.11 -6.24
C GLN E 97 25.56 13.88 -5.42
N GLU E 98 25.47 13.99 -4.10
CA GLU E 98 25.78 12.85 -3.26
C GLU E 98 24.81 11.72 -3.53
N ALA E 99 23.54 12.06 -3.67
CA ALA E 99 22.51 11.07 -3.95
C ALA E 99 22.70 10.47 -5.34
N CYS E 100 23.11 11.30 -6.29
CA CYS E 100 23.27 10.84 -7.67
C CYS E 100 24.42 9.85 -7.80
N GLU E 101 25.55 10.15 -7.15
CA GLU E 101 26.67 9.24 -7.25
C GLU E 101 26.37 7.93 -6.55
N ALA E 102 25.73 8.02 -5.39
CA ALA E 102 25.38 6.79 -4.67
C ALA E 102 24.42 5.96 -5.50
N TYR E 103 23.52 6.63 -6.18
CA TYR E 103 22.55 5.98 -7.04
C TYR E 103 23.21 5.27 -8.21
N LEU E 104 24.09 5.97 -8.91
CA LEU E 104 24.73 5.40 -10.08
C LEU E 104 25.67 4.26 -9.70
N VAL E 105 26.35 4.39 -8.57
CA VAL E 105 27.24 3.32 -8.16
C VAL E 105 26.46 2.07 -7.83
N GLY E 106 25.34 2.23 -7.13
CA GLY E 106 24.50 1.09 -6.80
C GLY E 106 23.99 0.43 -8.07
N LEU E 107 23.69 1.23 -9.08
CA LEU E 107 23.23 0.70 -10.36
C LEU E 107 24.34 -0.09 -11.04
N PHE E 108 25.57 0.42 -10.96
CA PHE E 108 26.70 -0.26 -11.57
C PHE E 108 26.99 -1.59 -10.88
N GLU E 109 26.79 -1.64 -9.56
CA GLU E 109 27.01 -2.88 -8.84
C GLU E 109 26.06 -3.96 -9.32
N ASP E 110 24.80 -3.59 -9.54
CA ASP E 110 23.81 -4.54 -10.03
C ASP E 110 24.04 -4.84 -11.49
N THR E 111 24.51 -3.86 -12.23
CA THR E 111 24.83 -4.04 -13.64
C THR E 111 25.95 -5.05 -13.77
N ASN E 112 26.93 -4.95 -12.88
CA ASN E 112 28.07 -5.86 -12.90
C ASN E 112 27.62 -7.29 -12.61
N LEU E 113 26.67 -7.44 -11.70
CA LEU E 113 26.16 -8.77 -11.37
C LEU E 113 25.46 -9.39 -12.57
N CYS E 114 24.73 -8.57 -13.31
CA CYS E 114 24.04 -9.07 -14.49
C CYS E 114 25.04 -9.57 -15.52
N ALA E 115 26.11 -8.82 -15.73
CA ALA E 115 27.13 -9.22 -16.70
C ALA E 115 27.80 -10.51 -16.26
N ILE E 116 28.02 -10.66 -14.96
CA ILE E 116 28.63 -11.87 -14.44
C ILE E 116 27.71 -13.06 -14.63
N HIS E 117 26.43 -12.86 -14.39
CA HIS E 117 25.42 -13.89 -14.59
C HIS E 117 25.37 -14.33 -16.04
N ALA E 118 25.64 -13.40 -16.94
CA ALA E 118 25.65 -13.67 -18.38
C ALA E 118 26.99 -14.26 -18.79
N LYS E 119 27.86 -14.48 -17.81
CA LYS E 119 29.20 -15.02 -18.04
C LYS E 119 30.04 -14.08 -18.89
N ARG E 120 29.92 -12.78 -18.60
CA ARG E 120 30.67 -11.75 -19.28
C ARG E 120 31.42 -10.88 -18.28
N VAL E 121 32.46 -10.21 -18.74
CA VAL E 121 33.18 -9.24 -17.93
C VAL E 121 32.74 -7.83 -18.27
N THR E 122 32.55 -7.59 -19.57
CA THR E 122 32.18 -6.27 -20.06
C THR E 122 30.71 -6.00 -19.83
N ILE E 123 30.38 -4.82 -19.33
CA ILE E 123 28.99 -4.44 -19.13
C ILE E 123 28.40 -3.77 -20.36
N MET E 124 27.17 -4.17 -20.69
CA MET E 124 26.45 -3.61 -21.82
C MET E 124 25.12 -3.00 -21.36
N PRO E 125 24.50 -2.12 -22.16
CA PRO E 125 23.23 -1.49 -21.90
C PRO E 125 22.16 -2.50 -21.50
N LYS E 126 22.29 -3.72 -22.01
CA LYS E 126 21.35 -4.78 -21.66
C LYS E 126 21.40 -5.06 -20.17
N ASP E 127 22.59 -4.94 -19.58
CA ASP E 127 22.78 -5.27 -18.17
C ASP E 127 22.21 -4.17 -17.30
N ILE E 128 22.32 -2.93 -17.77
CA ILE E 128 21.75 -1.81 -17.03
C ILE E 128 20.24 -1.87 -17.08
N GLN E 129 19.71 -2.14 -18.26
CA GLN E 129 18.27 -2.17 -18.44
C GLN E 129 17.64 -3.31 -17.67
N LEU E 130 18.32 -4.43 -17.59
CA LEU E 130 17.81 -5.56 -16.82
C LEU E 130 17.80 -5.24 -15.33
N ALA E 131 18.88 -4.62 -14.85
CA ALA E 131 18.97 -4.29 -13.44
C ALA E 131 17.86 -3.31 -13.05
N ARG E 132 17.57 -2.37 -13.94
CA ARG E 132 16.52 -1.40 -13.66
C ARG E 132 15.14 -2.04 -13.73
N ARG E 133 14.96 -2.95 -14.67
CA ARG E 133 13.67 -3.60 -14.86
C ARG E 133 13.34 -4.49 -13.67
N ILE E 134 14.34 -5.21 -13.15
CA ILE E 134 14.15 -6.04 -11.99
C ILE E 134 13.94 -5.20 -10.74
N ARG E 135 14.71 -4.12 -10.63
CA ARG E 135 14.57 -3.22 -9.50
C ARG E 135 13.18 -2.60 -9.48
N GLY E 136 12.62 -2.38 -10.65
CA GLY E 136 11.26 -1.84 -10.76
C GLY E 136 11.20 -0.36 -11.13
N GLU E 137 12.26 0.17 -11.74
CA GLU E 137 12.32 1.57 -12.16
C GLU E 137 11.58 1.79 -13.47
N LEU F 26 19.89 27.56 -20.25
CA LEU F 26 20.93 26.54 -20.36
C LEU F 26 20.47 25.40 -21.26
N ARG F 27 21.41 24.87 -22.07
CA ARG F 27 21.13 23.75 -22.98
C ARG F 27 22.25 22.73 -23.03
N ASP F 28 21.87 21.45 -23.08
CA ASP F 28 22.80 20.35 -23.34
C ASP F 28 23.98 20.33 -22.39
N ASN F 29 23.71 20.38 -21.09
CA ASN F 29 24.78 20.33 -20.11
C ASN F 29 24.98 18.90 -19.61
N ILE F 30 24.26 17.97 -20.23
CA ILE F 30 24.42 16.55 -19.93
C ILE F 30 25.79 16.08 -20.38
N GLN F 31 26.39 16.84 -21.29
CA GLN F 31 27.70 16.51 -21.83
C GLN F 31 28.76 16.84 -20.81
N GLY F 32 28.34 17.52 -19.74
CA GLY F 32 29.23 17.88 -18.64
C GLY F 32 29.66 16.62 -17.90
N ILE F 33 28.95 15.53 -18.12
CA ILE F 33 29.33 14.25 -17.54
C ILE F 33 30.18 13.49 -18.54
N THR F 34 31.48 13.51 -18.30
CA THR F 34 32.44 12.98 -19.26
C THR F 34 32.65 11.48 -19.07
N LYS F 35 33.28 10.84 -20.05
CA LYS F 35 33.47 9.41 -19.98
C LYS F 35 34.25 8.97 -18.73
N PRO F 36 35.37 9.62 -18.38
CA PRO F 36 36.16 9.33 -17.20
C PRO F 36 35.33 9.39 -15.92
N ALA F 37 34.36 10.30 -15.87
CA ALA F 37 33.53 10.41 -14.68
C ALA F 37 32.63 9.19 -14.56
N ILE F 38 32.16 8.72 -15.70
CA ILE F 38 31.32 7.54 -15.74
C ILE F 38 32.13 6.31 -15.42
N ARG F 39 33.33 6.26 -15.97
CA ARG F 39 34.22 5.14 -15.73
C ARG F 39 34.56 5.04 -14.26
N ARG F 40 34.84 6.16 -13.62
CA ARG F 40 35.21 6.13 -12.21
C ARG F 40 34.06 5.62 -11.34
N LEU F 41 32.83 6.00 -11.69
CA LEU F 41 31.68 5.48 -10.96
C LEU F 41 31.58 3.98 -11.13
N ALA F 42 31.83 3.53 -12.36
CA ALA F 42 31.80 2.11 -12.66
C ALA F 42 32.88 1.37 -11.88
N ARG F 43 34.01 2.03 -11.65
CA ARG F 43 35.09 1.39 -10.92
C ARG F 43 34.70 1.08 -9.48
N ARG F 44 33.97 2.00 -8.84
CA ARG F 44 33.51 1.69 -7.49
C ARG F 44 32.54 0.51 -7.51
N GLY F 45 31.85 0.35 -8.64
CA GLY F 45 30.90 -0.75 -8.80
C GLY F 45 31.61 -2.08 -9.05
N GLY F 46 32.93 -2.05 -9.21
CA GLY F 46 33.71 -3.25 -9.43
C GLY F 46 33.78 -3.65 -10.90
N VAL F 47 33.46 -2.72 -11.78
CA VAL F 47 33.47 -3.01 -13.22
C VAL F 47 34.87 -2.89 -13.80
N LYS F 48 35.31 -3.94 -14.50
CA LYS F 48 36.62 -3.92 -15.14
C LYS F 48 36.55 -3.44 -16.59
N ARG F 49 35.45 -3.74 -17.26
CA ARG F 49 35.33 -3.39 -18.68
C ARG F 49 33.98 -2.75 -18.98
N ILE F 50 34.03 -1.66 -19.71
CA ILE F 50 32.84 -0.90 -20.06
C ILE F 50 32.65 -0.83 -21.57
N SER F 51 31.50 -1.27 -22.07
CA SER F 51 31.24 -1.16 -23.50
C SER F 51 30.99 0.29 -23.88
N GLY F 52 31.17 0.60 -25.16
CA GLY F 52 31.10 1.99 -25.61
C GLY F 52 29.71 2.57 -25.57
N LEU F 53 28.70 1.72 -25.41
CA LEU F 53 27.32 2.17 -25.38
C LEU F 53 26.85 2.53 -23.99
N ILE F 54 27.67 2.23 -22.99
CA ILE F 54 27.30 2.48 -21.60
C ILE F 54 27.20 3.96 -21.31
N TYR F 55 28.10 4.73 -21.88
CA TYR F 55 28.18 6.15 -21.55
C TYR F 55 26.90 6.87 -21.92
N GLU F 56 26.33 6.56 -23.07
CA GLU F 56 25.09 7.19 -23.49
C GLU F 56 23.92 6.71 -22.65
N GLU F 57 23.92 5.42 -22.33
CA GLU F 57 22.85 4.86 -21.52
C GLU F 57 22.89 5.43 -20.11
N THR F 58 24.10 5.61 -19.59
CA THR F 58 24.29 6.12 -18.24
C THR F 58 23.78 7.55 -18.13
N ARG F 59 24.08 8.37 -19.13
CA ARG F 59 23.63 9.76 -19.11
C ARG F 59 22.11 9.83 -19.14
N GLY F 60 21.48 8.96 -19.92
CA GLY F 60 20.03 8.93 -20.00
C GLY F 60 19.42 8.59 -18.65
N VAL F 61 20.03 7.65 -17.95
CA VAL F 61 19.53 7.24 -16.64
C VAL F 61 19.68 8.35 -15.61
N LEU F 62 20.83 9.01 -15.62
CA LEU F 62 21.06 10.09 -14.67
C LEU F 62 20.09 11.23 -14.87
N LYS F 63 19.83 11.57 -16.13
CA LYS F 63 18.91 12.65 -16.43
C LYS F 63 17.54 12.39 -15.83
N VAL F 64 17.07 11.15 -15.96
CA VAL F 64 15.78 10.79 -15.42
C VAL F 64 15.77 10.87 -13.89
N PHE F 65 16.83 10.39 -13.27
CA PHE F 65 16.94 10.43 -11.82
C PHE F 65 16.88 11.86 -11.32
N LEU F 66 17.64 12.75 -11.96
CA LEU F 66 17.65 14.15 -11.55
C LEU F 66 16.30 14.81 -11.75
N GLU F 67 15.62 14.49 -12.85
CA GLU F 67 14.32 15.09 -13.09
C GLU F 67 13.33 14.73 -12.00
N ASN F 68 13.37 13.49 -11.55
CA ASN F 68 12.42 13.06 -10.53
C ASN F 68 12.69 13.71 -9.19
N VAL F 69 13.96 13.87 -8.84
CA VAL F 69 14.30 14.47 -7.56
C VAL F 69 14.09 15.98 -7.60
N ILE F 70 14.51 16.60 -8.69
CA ILE F 70 14.37 18.05 -8.82
C ILE F 70 12.92 18.46 -8.91
N ARG F 71 12.13 17.71 -9.67
CA ARG F 71 10.72 18.06 -9.84
C ARG F 71 10.03 18.13 -8.49
N ASP F 72 10.34 17.20 -7.61
CA ASP F 72 9.72 17.19 -6.30
C ASP F 72 10.29 18.28 -5.40
N ALA F 73 11.60 18.50 -5.49
CA ALA F 73 12.23 19.53 -4.68
C ALA F 73 11.70 20.91 -5.05
N VAL F 74 11.45 21.12 -6.34
CA VAL F 74 10.88 22.37 -6.80
C VAL F 74 9.44 22.50 -6.34
N THR F 75 8.70 21.41 -6.38
CA THR F 75 7.32 21.42 -5.93
C THR F 75 7.23 21.83 -4.47
N TYR F 76 8.13 21.31 -3.64
CA TYR F 76 8.18 21.72 -2.24
C TYR F 76 8.49 23.21 -2.13
N THR F 77 9.44 23.66 -2.94
CA THR F 77 9.87 25.05 -2.89
C THR F 77 8.74 26.00 -3.28
N GLU F 78 8.00 25.64 -4.32
CA GLU F 78 6.89 26.47 -4.76
C GLU F 78 5.78 26.51 -3.74
N HIS F 79 5.50 25.36 -3.12
CA HIS F 79 4.45 25.27 -2.11
C HIS F 79 4.75 26.20 -0.94
N ALA F 80 6.02 26.27 -0.58
CA ALA F 80 6.47 27.06 0.56
C ALA F 80 6.56 28.54 0.24
N LYS F 81 6.28 28.89 -1.02
CA LYS F 81 6.41 30.26 -1.49
C LYS F 81 7.83 30.77 -1.35
N ARG F 82 8.80 29.90 -1.59
CA ARG F 82 10.20 30.29 -1.56
C ARG F 82 10.77 30.37 -2.97
N LYS F 83 11.72 31.27 -3.17
CA LYS F 83 12.33 31.46 -4.47
C LYS F 83 13.58 30.61 -4.65
N THR F 84 14.03 29.99 -3.54
CA THR F 84 15.28 29.25 -3.53
C THR F 84 15.08 27.85 -3.00
N VAL F 85 15.71 26.88 -3.65
CA VAL F 85 15.66 25.49 -3.22
C VAL F 85 16.72 25.24 -2.15
N THR F 86 16.30 24.65 -1.04
CA THR F 86 17.23 24.36 0.05
C THR F 86 17.51 22.87 0.17
N ALA F 87 18.49 22.52 1.00
CA ALA F 87 18.88 21.14 1.16
C ALA F 87 17.73 20.30 1.66
N MET F 88 16.88 20.90 2.49
CA MET F 88 15.76 20.16 3.05
C MET F 88 14.73 19.80 2.00
N ASP F 89 14.70 20.55 0.90
CA ASP F 89 13.75 20.26 -0.16
C ASP F 89 14.25 19.07 -0.94
N VAL F 90 15.57 18.97 -1.05
CA VAL F 90 16.19 17.83 -1.70
C VAL F 90 16.03 16.59 -0.84
N VAL F 91 16.20 16.75 0.46
CA VAL F 91 16.07 15.63 1.37
C VAL F 91 14.66 15.07 1.37
N TYR F 92 13.67 15.95 1.37
CA TYR F 92 12.29 15.50 1.32
C TYR F 92 11.98 14.84 0.00
N ALA F 93 12.53 15.39 -1.08
CA ALA F 93 12.31 14.83 -2.41
C ALA F 93 12.87 13.43 -2.49
N LEU F 94 14.02 13.21 -1.84
CA LEU F 94 14.65 11.90 -1.85
C LEU F 94 13.95 10.94 -0.89
N LYS F 95 13.46 11.47 0.23
CA LYS F 95 12.79 10.63 1.21
C LYS F 95 11.58 9.94 0.61
N ARG F 96 10.85 10.66 -0.25
CA ARG F 96 9.65 10.12 -0.87
C ARG F 96 9.95 9.03 -1.87
N GLN F 97 11.21 8.93 -2.29
CA GLN F 97 11.61 7.92 -3.26
C GLN F 97 12.23 6.73 -2.57
N GLY F 98 12.22 6.74 -1.25
CA GLY F 98 12.78 5.65 -0.47
C GLY F 98 14.30 5.74 -0.39
N ARG F 99 14.84 6.94 -0.56
CA ARG F 99 16.27 7.12 -0.50
C ARG F 99 16.66 8.15 0.55
N THR F 100 16.71 7.70 1.80
CA THR F 100 17.04 8.59 2.90
C THR F 100 18.49 9.01 2.84
N LEU F 101 18.73 10.31 3.00
CA LEU F 101 20.09 10.85 2.94
C LEU F 101 20.50 11.46 4.28
N TYR F 102 21.66 11.07 4.77
CA TYR F 102 22.19 11.60 6.03
C TYR F 102 23.34 12.57 5.82
N GLY F 103 23.44 13.56 6.70
CA GLY F 103 24.59 14.45 6.75
C GLY F 103 24.33 15.84 6.15
N PHE F 104 23.21 16.00 5.47
CA PHE F 104 22.87 17.29 4.86
C PHE F 104 21.78 18.02 5.63
N GLY F 105 21.45 17.51 6.81
CA GLY F 105 20.41 18.11 7.64
C GLY F 105 19.15 17.27 7.57
N GLY F 106 18.31 17.39 8.61
CA GLY F 106 17.08 16.61 8.73
C GLY F 106 17.20 15.62 9.88
N LYS G 13 -18.74 23.38 -12.27
CA LYS G 13 -19.86 23.00 -13.11
C LYS G 13 -20.84 24.18 -13.27
N ALA G 14 -21.87 23.99 -14.09
CA ALA G 14 -22.76 25.08 -14.53
C ALA G 14 -23.57 25.71 -13.40
N ARG G 15 -24.02 24.91 -12.42
CA ARG G 15 -24.91 25.45 -11.40
C ARG G 15 -24.95 24.61 -10.13
N ALA G 16 -25.47 25.20 -9.06
CA ALA G 16 -25.70 24.49 -7.81
C ALA G 16 -27.01 24.92 -7.18
N LYS G 17 -27.78 23.96 -6.70
CA LYS G 17 -29.02 24.23 -5.98
C LYS G 17 -29.27 23.16 -4.93
N ALA G 18 -28.57 23.24 -3.81
CA ALA G 18 -28.65 22.20 -2.80
C ALA G 18 -28.23 22.72 -1.43
N LYS G 19 -28.66 22.02 -0.39
CA LYS G 19 -28.17 22.32 0.96
C LYS G 19 -26.97 21.43 1.29
N THR G 20 -26.98 20.22 0.76
CA THR G 20 -25.93 19.25 1.01
C THR G 20 -24.59 19.76 0.47
N ARG G 21 -23.55 19.69 1.28
CA ARG G 21 -22.25 20.22 0.89
C ARG G 21 -21.71 19.49 -0.33
N SER G 22 -21.94 18.20 -0.38
CA SER G 22 -21.48 17.38 -1.50
C SER G 22 -22.18 17.81 -2.78
N SER G 23 -23.45 18.16 -2.67
CA SER G 23 -24.23 18.58 -3.84
C SER G 23 -23.83 19.99 -4.28
N ARG G 24 -23.48 20.83 -3.31
CA ARG G 24 -23.04 22.18 -3.62
C ARG G 24 -21.73 22.14 -4.41
N ALA G 25 -20.87 21.20 -4.07
CA ALA G 25 -19.60 21.03 -4.77
C ALA G 25 -19.78 20.27 -6.08
N GLY G 26 -20.97 19.70 -6.27
CA GLY G 26 -21.26 18.93 -7.48
C GLY G 26 -20.60 17.56 -7.46
N LEU G 27 -20.36 17.03 -6.27
CA LEU G 27 -19.67 15.76 -6.10
C LEU G 27 -20.60 14.66 -5.64
N GLN G 28 -20.27 13.43 -5.98
CA GLN G 28 -21.01 12.27 -5.48
C GLN G 28 -20.44 11.83 -4.14
N PHE G 29 -19.14 12.01 -3.97
CA PHE G 29 -18.47 11.64 -2.73
C PHE G 29 -18.87 12.57 -1.59
N PRO G 30 -18.99 12.05 -0.37
CA PRO G 30 -19.45 12.71 0.83
C PRO G 30 -18.42 13.66 1.39
N VAL G 31 -18.67 14.95 1.26
CA VAL G 31 -17.75 15.96 1.74
C VAL G 31 -17.69 15.98 3.26
N GLY G 32 -18.85 15.88 3.90
CA GLY G 32 -18.92 15.91 5.36
C GLY G 32 -18.15 14.74 5.96
N ARG G 33 -18.19 13.60 5.30
CA ARG G 33 -17.48 12.42 5.80
C ARG G 33 -15.98 12.62 5.68
N VAL G 34 -15.54 13.19 4.57
CA VAL G 34 -14.14 13.45 4.37
C VAL G 34 -13.64 14.43 5.42
N HIS G 35 -14.46 15.42 5.74
CA HIS G 35 -14.09 16.39 6.74
C HIS G 35 -13.84 15.73 8.08
N ARG G 36 -14.73 14.82 8.47
CA ARG G 36 -14.55 14.09 9.72
C ARG G 36 -13.31 13.22 9.67
N LEU G 37 -13.07 12.60 8.53
CA LEU G 37 -11.92 11.71 8.38
C LEU G 37 -10.61 12.48 8.43
N LEU G 38 -10.61 13.73 7.99
CA LEU G 38 -9.41 14.56 8.05
C LEU G 38 -9.08 14.93 9.49
N ARG G 39 -10.11 15.08 10.32
CA ARG G 39 -9.88 15.35 11.74
C ARG G 39 -9.35 14.09 12.45
N LYS G 40 -9.88 12.95 12.04
CA LYS G 40 -9.47 11.67 12.59
C LYS G 40 -8.05 11.34 12.14
N GLY G 41 -7.26 10.75 13.02
CA GLY G 41 -5.91 10.34 12.65
C GLY G 41 -4.88 11.43 12.93
N ASN G 42 -5.35 12.56 13.47
CA ASN G 42 -4.46 13.66 13.86
C ASN G 42 -3.58 14.12 12.71
N TYR G 43 -4.16 14.28 11.53
CA TYR G 43 -3.38 14.75 10.38
C TYR G 43 -2.95 16.20 10.59
N SER G 44 -3.80 16.96 11.26
CA SER G 44 -3.49 18.36 11.58
C SER G 44 -4.36 18.83 12.73
N GLU G 45 -3.96 19.95 13.34
CA GLU G 45 -4.77 20.57 14.37
C GLU G 45 -6.07 21.14 13.80
N ARG G 46 -5.97 21.70 12.59
CA ARG G 46 -7.11 22.35 11.95
C ARG G 46 -7.24 21.95 10.49
N VAL G 47 -8.48 21.93 10.01
CA VAL G 47 -8.76 21.60 8.61
C VAL G 47 -9.52 22.73 7.92
N GLY G 48 -9.00 23.19 6.79
CA GLY G 48 -9.60 24.29 6.04
C GLY G 48 -10.97 23.89 5.50
N ALA G 49 -11.86 24.86 5.39
CA ALA G 49 -13.24 24.57 4.97
C ALA G 49 -13.29 23.96 3.57
N GLY G 50 -12.40 24.39 2.70
CA GLY G 50 -12.38 23.90 1.33
C GLY G 50 -11.56 22.62 1.19
N ALA G 51 -10.89 22.23 2.26
CA ALA G 51 -10.00 21.07 2.21
C ALA G 51 -10.73 19.78 1.80
N PRO G 52 -11.82 19.37 2.47
CA PRO G 52 -12.54 18.14 2.19
C PRO G 52 -13.22 18.18 0.83
N VAL G 53 -13.48 19.38 0.33
CA VAL G 53 -14.10 19.53 -0.97
C VAL G 53 -13.11 19.21 -2.07
N TYR G 54 -11.92 19.76 -1.94
CA TYR G 54 -10.88 19.53 -2.92
C TYR G 54 -10.52 18.05 -2.94
N LEU G 55 -10.37 17.47 -1.77
CA LEU G 55 -9.98 16.07 -1.67
C LEU G 55 -11.05 15.13 -2.19
N ALA G 56 -12.30 15.42 -1.87
CA ALA G 56 -13.38 14.57 -2.33
C ALA G 56 -13.44 14.55 -3.85
N ALA G 57 -13.17 15.70 -4.46
CA ALA G 57 -13.17 15.81 -5.91
C ALA G 57 -12.09 14.93 -6.52
N VAL G 58 -10.94 14.86 -5.85
CA VAL G 58 -9.83 14.06 -6.36
C VAL G 58 -10.14 12.58 -6.24
N LEU G 59 -10.71 12.18 -5.12
CA LEU G 59 -11.04 10.78 -4.91
C LEU G 59 -12.07 10.32 -5.91
N GLU G 60 -13.05 11.19 -6.19
CA GLU G 60 -14.09 10.86 -7.16
C GLU G 60 -13.52 10.75 -8.56
N TYR G 61 -12.63 11.67 -8.91
CA TYR G 61 -12.03 11.64 -10.23
C TYR G 61 -11.29 10.34 -10.48
N LEU G 62 -10.45 9.95 -9.53
CA LEU G 62 -9.67 8.73 -9.69
C LEU G 62 -10.56 7.51 -9.70
N THR G 63 -11.61 7.53 -8.89
CA THR G 63 -12.55 6.43 -8.84
C THR G 63 -13.23 6.25 -10.19
N ALA G 64 -13.67 7.36 -10.76
CA ALA G 64 -14.33 7.32 -12.06
C ALA G 64 -13.40 6.82 -13.15
N GLU G 65 -12.12 7.19 -13.06
CA GLU G 65 -11.16 6.82 -14.09
C GLU G 65 -10.96 5.31 -14.14
N ILE G 66 -10.88 4.68 -12.97
CA ILE G 66 -10.70 3.25 -12.91
C ILE G 66 -11.95 2.51 -13.35
N LEU G 67 -13.11 2.99 -12.91
CA LEU G 67 -14.35 2.35 -13.26
C LEU G 67 -14.60 2.42 -14.75
N GLU G 68 -14.22 3.54 -15.37
CA GLU G 68 -14.43 3.69 -16.80
C GLU G 68 -13.63 2.66 -17.57
N LEU G 69 -12.37 2.50 -17.20
CA LEU G 69 -11.50 1.54 -17.88
C LEU G 69 -11.92 0.12 -17.61
N ALA G 70 -12.32 -0.16 -16.37
CA ALA G 70 -12.74 -1.50 -16.00
C ALA G 70 -14.01 -1.89 -16.74
N GLY G 71 -14.90 -0.92 -16.92
CA GLY G 71 -16.14 -1.15 -17.65
C GLY G 71 -15.85 -1.49 -19.11
N ASN G 72 -14.84 -0.84 -19.67
CA ASN G 72 -14.47 -1.11 -21.05
C ASN G 72 -13.89 -2.52 -21.16
N ALA G 73 -13.12 -2.92 -20.16
CA ALA G 73 -12.56 -4.27 -20.13
C ALA G 73 -13.67 -5.30 -20.05
N ALA G 74 -14.73 -4.97 -19.31
CA ALA G 74 -15.85 -5.88 -19.19
C ALA G 74 -16.51 -6.10 -20.54
N ARG G 75 -16.64 -5.03 -21.32
CA ARG G 75 -17.25 -5.15 -22.64
C ARG G 75 -16.39 -5.98 -23.57
N ASP G 76 -15.08 -5.84 -23.45
CA ASP G 76 -14.16 -6.60 -24.30
C ASP G 76 -14.32 -8.09 -24.06
N ASN G 77 -14.69 -8.46 -22.84
CA ASN G 77 -14.89 -9.86 -22.48
C ASN G 77 -16.36 -10.25 -22.54
N LYS G 78 -17.19 -9.36 -23.09
CA LYS G 78 -18.62 -9.59 -23.21
C LYS G 78 -19.30 -9.81 -21.87
N LYS G 79 -18.81 -9.14 -20.84
CA LYS G 79 -19.39 -9.24 -19.51
C LYS G 79 -20.23 -8.01 -19.21
N THR G 80 -21.27 -8.19 -18.39
CA THR G 80 -22.12 -7.08 -18.00
C THR G 80 -21.80 -6.63 -16.58
N ARG G 81 -20.81 -7.27 -15.97
CA ARG G 81 -20.44 -6.97 -14.60
C ARG G 81 -18.92 -6.88 -14.45
N ILE G 82 -18.47 -5.90 -13.66
CA ILE G 82 -17.05 -5.75 -13.38
C ILE G 82 -16.57 -6.72 -12.31
N ILE G 83 -15.49 -7.43 -12.63
CA ILE G 83 -14.88 -8.37 -11.70
C ILE G 83 -13.40 -7.98 -11.50
N PRO G 84 -12.74 -8.47 -10.46
CA PRO G 84 -11.36 -8.15 -10.09
C PRO G 84 -10.41 -8.29 -11.26
N ARG G 85 -10.70 -9.22 -12.18
CA ARG G 85 -9.86 -9.39 -13.35
C ARG G 85 -9.85 -8.10 -14.17
N HIS G 86 -10.99 -7.45 -14.26
CA HIS G 86 -11.12 -6.26 -15.07
C HIS G 86 -10.40 -5.09 -14.44
N LEU G 87 -10.44 -5.04 -13.11
CA LEU G 87 -9.74 -3.97 -12.40
C LEU G 87 -8.24 -4.11 -12.60
N GLN G 88 -7.76 -5.34 -12.58
CA GLN G 88 -6.34 -5.60 -12.78
C GLN G 88 -5.91 -5.17 -14.18
N LEU G 89 -6.73 -5.49 -15.17
CA LEU G 89 -6.44 -5.11 -16.54
C LEU G 89 -6.50 -3.61 -16.72
N ALA G 90 -7.49 -2.98 -16.09
CA ALA G 90 -7.68 -1.54 -16.21
C ALA G 90 -6.47 -0.79 -15.70
N ILE G 91 -5.85 -1.32 -14.65
CA ILE G 91 -4.70 -0.66 -14.05
C ILE G 91 -3.40 -1.01 -14.77
N ARG G 92 -3.21 -2.28 -15.07
CA ARG G 92 -1.93 -2.73 -15.61
C ARG G 92 -1.76 -2.35 -17.08
N ASN G 93 -2.87 -2.00 -17.74
CA ASN G 93 -2.81 -1.56 -19.13
C ASN G 93 -2.82 -0.04 -19.25
N ASP G 94 -2.62 0.64 -18.11
CA ASP G 94 -2.63 2.10 -18.08
C ASP G 94 -1.40 2.61 -17.32
N GLU G 95 -0.53 3.32 -18.02
CA GLU G 95 0.76 3.70 -17.45
C GLU G 95 0.63 4.57 -16.21
N GLU G 96 -0.30 5.51 -16.22
CA GLU G 96 -0.44 6.41 -15.08
C GLU G 96 -0.94 5.68 -13.85
N LEU G 97 -1.93 4.80 -14.04
CA LEU G 97 -2.44 4.02 -12.93
C LEU G 97 -1.46 2.95 -12.49
N ASN G 98 -0.71 2.41 -13.45
CA ASN G 98 0.27 1.37 -13.14
C ASN G 98 1.38 1.92 -12.28
N LYS G 99 1.75 3.18 -12.48
CA LYS G 99 2.77 3.81 -11.65
C LYS G 99 2.22 4.09 -10.26
N LEU G 100 0.98 4.54 -10.20
CA LEU G 100 0.34 4.87 -8.93
C LEU G 100 0.09 3.64 -8.08
N LEU G 101 -0.36 2.57 -8.71
CA LEU G 101 -0.75 1.36 -8.01
C LEU G 101 0.17 0.18 -8.33
N GLY G 102 1.40 0.48 -8.75
CA GLY G 102 2.33 -0.54 -9.22
C GLY G 102 2.76 -1.51 -8.13
N ARG G 103 2.59 -1.12 -6.88
CA ARG G 103 2.99 -1.96 -5.75
C ARG G 103 1.80 -2.70 -5.15
N VAL G 104 0.62 -2.49 -5.72
CA VAL G 104 -0.60 -3.04 -5.15
C VAL G 104 -0.92 -4.44 -5.68
N THR G 105 -1.25 -5.32 -4.75
CA THR G 105 -1.71 -6.66 -5.10
C THR G 105 -3.23 -6.70 -5.05
N ILE G 106 -3.83 -7.11 -6.15
CA ILE G 106 -5.28 -7.15 -6.24
C ILE G 106 -5.80 -8.57 -6.15
N ALA G 107 -6.65 -8.83 -5.17
CA ALA G 107 -7.15 -10.18 -4.96
C ALA G 107 -7.83 -10.70 -6.21
N GLN G 108 -7.42 -11.88 -6.65
CA GLN G 108 -7.96 -12.53 -7.83
C GLN G 108 -7.90 -11.62 -9.04
N GLY G 109 -6.86 -10.79 -9.12
CA GLY G 109 -6.69 -9.90 -10.26
C GLY G 109 -6.09 -10.63 -11.45
N GLY G 110 -5.26 -11.64 -11.17
CA GLY G 110 -4.56 -12.36 -12.21
C GLY G 110 -3.39 -11.53 -12.74
N VAL G 111 -2.87 -11.91 -13.90
CA VAL G 111 -1.74 -11.22 -14.51
C VAL G 111 -2.02 -10.92 -15.97
N LEU G 112 -1.25 -10.01 -16.56
CA LEU G 112 -1.34 -9.77 -17.99
C LEU G 112 -0.83 -10.99 -18.76
N PRO G 113 -1.44 -11.32 -19.89
CA PRO G 113 -1.12 -12.44 -20.76
C PRO G 113 0.11 -12.15 -21.62
N ASN G 114 1.24 -11.94 -20.96
CA ASN G 114 2.48 -11.63 -21.66
C ASN G 114 3.39 -12.84 -21.80
N ILE G 115 3.71 -13.20 -23.04
CA ILE G 115 4.63 -14.29 -23.33
C ILE G 115 5.79 -13.79 -24.16
N GLN G 116 7.01 -14.13 -23.74
CA GLN G 116 8.20 -13.67 -24.43
C GLN G 116 8.38 -14.35 -25.79
N ALA G 117 8.83 -13.57 -26.76
CA ALA G 117 8.97 -14.05 -28.14
C ALA G 117 9.92 -15.24 -28.25
N VAL G 118 10.92 -15.28 -27.38
CA VAL G 118 11.93 -16.31 -27.44
C VAL G 118 11.36 -17.68 -27.05
N LEU G 119 10.19 -17.68 -26.44
CA LEU G 119 9.54 -18.90 -26.00
C LEU G 119 8.60 -19.45 -27.06
N LEU G 120 8.38 -18.67 -28.11
CA LEU G 120 7.41 -19.02 -29.14
C LEU G 120 8.09 -19.66 -30.36
N PRO G 121 7.37 -20.51 -31.13
CA PRO G 121 7.81 -21.09 -32.40
C PRO G 121 7.74 -20.08 -33.53
N ARG H 37 -21.83 -1.41 13.04
CA ARG H 37 -21.90 -0.81 11.71
C ARG H 37 -20.52 -0.33 11.26
N LYS H 38 -20.20 -0.61 10.00
CA LYS H 38 -18.93 -0.17 9.41
C LYS H 38 -19.19 0.79 8.26
N GLU H 39 -18.24 1.68 8.01
CA GLU H 39 -18.39 2.64 6.93
C GLU H 39 -17.70 2.17 5.66
N SER H 40 -18.27 2.51 4.51
CA SER H 40 -17.71 2.16 3.22
C SER H 40 -18.16 3.16 2.16
N TYR H 41 -17.56 3.08 0.98
CA TYR H 41 -17.90 4.00 -0.11
C TYR H 41 -18.70 3.32 -1.20
N SER H 42 -19.17 2.11 -0.93
CA SER H 42 -19.81 1.30 -1.97
C SER H 42 -21.02 1.99 -2.57
N ILE H 43 -21.72 2.79 -1.78
CA ILE H 43 -22.88 3.50 -2.29
C ILE H 43 -22.47 4.58 -3.29
N TYR H 44 -21.29 5.15 -3.11
CA TYR H 44 -20.84 6.22 -3.97
C TYR H 44 -20.20 5.65 -5.23
N VAL H 45 -19.57 4.49 -5.08
CA VAL H 45 -19.01 3.80 -6.22
C VAL H 45 -20.14 3.37 -7.16
N TYR H 46 -21.23 2.89 -6.58
CA TYR H 46 -22.39 2.51 -7.37
C TYR H 46 -22.91 3.67 -8.19
N LYS H 47 -22.99 4.85 -7.56
CA LYS H 47 -23.49 6.03 -8.24
C LYS H 47 -22.54 6.49 -9.34
N VAL H 48 -21.24 6.45 -9.08
CA VAL H 48 -20.29 6.87 -10.09
C VAL H 48 -20.32 5.93 -11.28
N LEU H 49 -20.39 4.63 -11.00
CA LEU H 49 -20.39 3.64 -12.06
C LEU H 49 -21.62 3.80 -12.93
N LYS H 50 -22.76 4.07 -12.30
CA LYS H 50 -24.01 4.26 -13.04
C LYS H 50 -23.89 5.42 -14.02
N GLN H 51 -23.18 6.48 -13.62
CA GLN H 51 -23.03 7.65 -14.48
C GLN H 51 -22.06 7.42 -15.62
N VAL H 52 -21.06 6.56 -15.39
CA VAL H 52 -20.07 6.27 -16.43
C VAL H 52 -20.52 5.15 -17.36
N HIS H 53 -21.01 4.07 -16.78
CA HIS H 53 -21.48 2.91 -17.54
C HIS H 53 -22.83 2.43 -17.04
N PRO H 54 -23.92 3.04 -17.52
CA PRO H 54 -25.30 2.88 -17.09
C PRO H 54 -25.77 1.44 -17.16
N ASP H 55 -25.14 0.63 -18.01
CA ASP H 55 -25.53 -0.76 -18.17
C ASP H 55 -24.42 -1.73 -17.80
N THR H 56 -23.62 -1.36 -16.80
CA THR H 56 -22.62 -2.27 -16.27
C THR H 56 -22.70 -2.36 -14.75
N GLY H 57 -22.74 -3.57 -14.24
CA GLY H 57 -22.77 -3.79 -12.80
C GLY H 57 -21.38 -4.01 -12.24
N ILE H 58 -21.28 -4.16 -10.93
CA ILE H 58 -20.02 -4.46 -10.27
C ILE H 58 -20.18 -5.59 -9.27
N SER H 59 -19.23 -6.52 -9.26
CA SER H 59 -19.25 -7.64 -8.32
C SER H 59 -18.90 -7.18 -6.91
N SER H 60 -19.27 -8.00 -5.92
CA SER H 60 -18.97 -7.67 -4.54
C SER H 60 -17.48 -7.72 -4.25
N LYS H 61 -16.76 -8.58 -4.96
CA LYS H 61 -15.31 -8.65 -4.78
C LYS H 61 -14.65 -7.42 -5.37
N ALA H 62 -15.15 -6.99 -6.52
CA ALA H 62 -14.64 -5.78 -7.16
C ALA H 62 -14.92 -4.57 -6.29
N MET H 63 -16.07 -4.59 -5.62
CA MET H 63 -16.44 -3.48 -4.76
C MET H 63 -15.51 -3.40 -3.56
N GLY H 64 -15.14 -4.56 -3.01
CA GLY H 64 -14.22 -4.59 -1.89
C GLY H 64 -12.88 -4.01 -2.28
N ILE H 65 -12.48 -4.25 -3.53
CA ILE H 65 -11.24 -3.71 -4.05
C ILE H 65 -11.31 -2.20 -4.20
N MET H 66 -12.45 -1.70 -4.69
CA MET H 66 -12.61 -0.27 -4.86
C MET H 66 -12.59 0.45 -3.52
N ASN H 67 -13.09 -0.20 -2.47
CA ASN H 67 -13.04 0.41 -1.15
C ASN H 67 -11.63 0.45 -0.60
N SER H 68 -10.85 -0.59 -0.90
CA SER H 68 -9.45 -0.59 -0.49
C SER H 68 -8.71 0.53 -1.21
N PHE H 69 -9.07 0.73 -2.47
CA PHE H 69 -8.46 1.77 -3.28
C PHE H 69 -8.71 3.17 -2.73
N VAL H 70 -9.97 3.46 -2.42
CA VAL H 70 -10.31 4.79 -1.95
C VAL H 70 -9.63 5.10 -0.63
N ASN H 71 -9.61 4.11 0.26
CA ASN H 71 -8.99 4.31 1.56
C ASN H 71 -7.48 4.49 1.45
N ASP H 72 -6.87 3.84 0.46
CA ASP H 72 -5.44 3.95 0.27
C ASP H 72 -5.08 5.33 -0.25
N ILE H 73 -5.82 5.81 -1.24
CA ILE H 73 -5.54 7.12 -1.79
C ILE H 73 -5.79 8.20 -0.77
N PHE H 74 -6.86 8.07 0.00
CA PHE H 74 -7.16 9.04 1.03
C PHE H 74 -6.01 9.15 2.01
N GLU H 75 -5.52 8.01 2.50
CA GLU H 75 -4.44 8.02 3.47
C GLU H 75 -3.18 8.64 2.88
N ARG H 76 -2.88 8.33 1.62
CA ARG H 76 -1.67 8.86 1.01
C ARG H 76 -1.71 10.37 0.95
N ILE H 77 -2.84 10.93 0.51
CA ILE H 77 -2.94 12.37 0.36
C ILE H 77 -3.00 13.05 1.71
N ALA H 78 -3.81 12.52 2.62
CA ALA H 78 -3.95 13.10 3.93
C ALA H 78 -2.61 13.08 4.66
N GLY H 79 -1.87 11.98 4.49
CA GLY H 79 -0.57 11.84 5.14
C GLY H 79 0.44 12.81 4.55
N GLU H 80 0.42 12.94 3.23
CA GLU H 80 1.35 13.84 2.56
C GLU H 80 1.04 15.29 2.91
N ALA H 81 -0.25 15.62 2.98
CA ALA H 81 -0.66 16.97 3.33
C ALA H 81 -0.22 17.30 4.74
N SER H 82 -0.26 16.31 5.62
CA SER H 82 0.16 16.49 6.99
C SER H 82 1.66 16.81 7.04
N ARG H 83 2.43 16.07 6.25
CA ARG H 83 3.87 16.30 6.17
C ARG H 83 4.18 17.69 5.67
N LEU H 84 3.45 18.13 4.65
CA LEU H 84 3.69 19.46 4.09
C LEU H 84 3.40 20.54 5.10
N ALA H 85 2.31 20.39 5.84
CA ALA H 85 1.97 21.36 6.87
C ALA H 85 3.05 21.39 7.94
N HIS H 86 3.57 20.23 8.28
CA HIS H 86 4.61 20.14 9.29
C HIS H 86 5.89 20.83 8.84
N TYR H 87 6.26 20.59 7.58
CA TYR H 87 7.50 21.13 7.05
C TYR H 87 7.47 22.65 7.00
N ASN H 88 6.29 23.22 6.77
CA ASN H 88 6.16 24.66 6.64
C ASN H 88 5.68 25.31 7.92
N LYS H 89 5.72 24.57 9.02
CA LYS H 89 5.32 25.09 10.32
C LYS H 89 3.88 25.61 10.30
N ARG H 90 3.00 24.87 9.65
CA ARG H 90 1.59 25.24 9.56
C ARG H 90 0.74 24.27 10.36
N SER H 91 -0.41 24.74 10.85
CA SER H 91 -1.29 23.89 11.65
C SER H 91 -2.61 23.59 10.94
N THR H 92 -2.85 24.28 9.83
CA THR H 92 -4.10 24.11 9.10
C THR H 92 -3.86 23.54 7.71
N ILE H 93 -4.54 22.46 7.38
CA ILE H 93 -4.48 21.91 6.04
C ILE H 93 -5.53 22.56 5.15
N THR H 94 -5.10 23.13 4.04
CA THR H 94 -5.99 23.80 3.12
C THR H 94 -5.89 23.16 1.75
N SER H 95 -6.62 23.71 0.79
CA SER H 95 -6.59 23.18 -0.56
C SER H 95 -5.20 23.26 -1.16
N ARG H 96 -4.37 24.16 -0.67
CA ARG H 96 -3.03 24.29 -1.23
C ARG H 96 -2.16 23.09 -0.89
N GLU H 97 -2.27 22.61 0.36
CA GLU H 97 -1.51 21.43 0.77
C GLU H 97 -2.00 20.20 0.06
N ILE H 98 -3.31 20.10 -0.12
CA ILE H 98 -3.87 18.96 -0.81
C ILE H 98 -3.47 18.99 -2.27
N GLN H 99 -3.55 20.17 -2.90
CA GLN H 99 -3.15 20.29 -4.29
C GLN H 99 -1.70 19.91 -4.47
N THR H 100 -0.86 20.33 -3.54
CA THR H 100 0.56 20.01 -3.61
C THR H 100 0.77 18.52 -3.46
N ALA H 101 0.04 17.91 -2.53
CA ALA H 101 0.15 16.48 -2.30
C ALA H 101 -0.26 15.72 -3.55
N VAL H 102 -1.26 16.23 -4.26
CA VAL H 102 -1.70 15.59 -5.49
C VAL H 102 -0.63 15.66 -6.55
N ARG H 103 0.01 16.81 -6.69
CA ARG H 103 1.07 16.98 -7.66
C ARG H 103 2.23 16.03 -7.36
N LEU H 104 2.50 15.81 -6.09
CA LEU H 104 3.58 14.91 -5.68
C LEU H 104 3.21 13.44 -5.83
N LEU H 105 1.98 13.08 -5.50
CA LEU H 105 1.56 11.69 -5.49
C LEU H 105 1.15 11.14 -6.85
N LEU H 106 0.41 11.93 -7.63
CA LEU H 106 -0.08 11.41 -8.90
C LEU H 106 0.91 11.72 -10.02
N PRO H 107 1.14 10.76 -10.92
CA PRO H 107 1.93 10.88 -12.13
C PRO H 107 1.18 11.55 -13.28
N GLY H 108 1.94 12.20 -14.15
CA GLY H 108 1.49 12.51 -15.51
C GLY H 108 0.18 13.29 -15.57
N GLU H 109 -0.71 12.79 -16.43
CA GLU H 109 -2.00 13.41 -16.71
C GLU H 109 -2.93 13.37 -15.51
N LEU H 110 -2.79 12.35 -14.66
CA LEU H 110 -3.70 12.22 -13.53
C LEU H 110 -3.52 13.39 -12.59
N ALA H 111 -2.28 13.80 -12.38
CA ALA H 111 -2.02 14.94 -11.52
C ALA H 111 -2.61 16.20 -12.13
N LYS H 112 -2.47 16.36 -13.43
CA LYS H 112 -2.98 17.54 -14.11
C LYS H 112 -4.49 17.62 -14.02
N HIS H 113 -5.16 16.51 -14.27
CA HIS H 113 -6.61 16.50 -14.27
C HIS H 113 -7.18 16.57 -12.86
N ALA H 114 -6.53 15.88 -11.93
CA ALA H 114 -7.01 15.88 -10.55
C ALA H 114 -6.96 17.27 -9.97
N VAL H 115 -5.91 18.01 -10.29
CA VAL H 115 -5.78 19.38 -9.79
C VAL H 115 -6.85 20.27 -10.40
N SER H 116 -7.09 20.11 -11.69
CA SER H 116 -8.11 20.92 -12.36
C SER H 116 -9.48 20.63 -11.77
N GLU H 117 -9.79 19.36 -11.54
CA GLU H 117 -11.08 18.97 -11.02
C GLU H 117 -11.26 19.44 -9.58
N GLY H 118 -10.19 19.33 -8.79
CA GLY H 118 -10.24 19.77 -7.40
C GLY H 118 -10.46 21.26 -7.31
N THR H 119 -9.75 22.01 -8.15
CA THR H 119 -9.87 23.46 -8.16
C THR H 119 -11.28 23.87 -8.56
N LYS H 120 -11.82 23.17 -9.55
CA LYS H 120 -13.16 23.44 -10.05
C LYS H 120 -14.22 23.18 -8.98
N ALA H 121 -14.07 22.07 -8.26
CA ALA H 121 -15.04 21.71 -7.24
C ALA H 121 -15.05 22.73 -6.10
N VAL H 122 -13.87 23.20 -5.71
CA VAL H 122 -13.78 24.20 -4.66
C VAL H 122 -14.36 25.53 -5.10
N THR H 123 -14.08 25.91 -6.35
CA THR H 123 -14.57 27.16 -6.88
C THR H 123 -16.09 27.16 -6.89
N LYS H 124 -16.68 26.05 -7.34
CA LYS H 124 -18.13 25.92 -7.36
C LYS H 124 -18.71 25.94 -5.96
N TYR H 125 -18.08 25.19 -5.06
CA TYR H 125 -18.54 25.13 -3.68
C TYR H 125 -18.54 26.51 -3.04
N THR H 126 -17.46 27.25 -3.28
CA THR H 126 -17.31 28.59 -2.73
C THR H 126 -18.41 29.50 -3.24
N SER H 127 -18.73 29.39 -4.53
CA SER H 127 -19.78 30.21 -5.12
C SER H 127 -21.19 29.63 -4.96
N ALA H 128 -21.28 28.36 -4.55
CA ALA H 128 -22.56 27.67 -4.33
C ALA H 128 -23.09 28.00 -2.94
N ASP K 409 52.05 46.91 32.99
CA ASP K 409 52.83 47.08 31.77
C ASP K 409 52.84 45.79 30.94
N ILE K 410 52.13 45.82 29.81
CA ILE K 410 52.00 44.69 28.90
C ILE K 410 53.32 44.35 28.21
N LYS K 411 54.15 45.37 27.95
CA LYS K 411 55.41 45.14 27.28
C LYS K 411 56.39 44.47 28.23
N ALA K 412 56.36 44.90 29.49
CA ALA K 412 57.19 44.28 30.52
C ALA K 412 56.79 42.82 30.73
N LEU K 413 55.49 42.56 30.65
CA LEU K 413 54.98 41.19 30.77
C LEU K 413 55.41 40.36 29.57
N GLN K 414 55.34 40.95 28.38
CA GLN K 414 55.78 40.25 27.19
C GLN K 414 57.24 39.85 27.28
N LYS K 415 58.07 40.76 27.77
CA LYS K 415 59.50 40.48 27.90
C LYS K 415 59.75 39.36 28.89
N GLU K 416 59.02 39.34 29.99
CA GLU K 416 59.17 38.31 30.99
C GLU K 416 58.80 36.94 30.45
N LEU K 417 57.71 36.89 29.67
CA LEU K 417 57.26 35.64 29.07
C LEU K 417 58.23 35.17 28.00
N GLU K 418 58.78 36.10 27.22
CA GLU K 418 59.78 35.76 26.22
C GLU K 418 61.05 35.21 26.85
N GLN K 419 61.45 35.78 27.99
CA GLN K 419 62.66 35.34 28.66
C GLN K 419 62.48 33.93 29.20
N PHE K 420 61.29 33.64 29.73
CA PHE K 420 61.01 32.31 30.22
C PHE K 420 60.99 31.30 29.08
N ALA K 421 60.33 31.66 27.98
CA ALA K 421 60.23 30.76 26.84
C ALA K 421 61.60 30.42 26.28
N LYS K 422 62.51 31.40 26.27
CA LYS K 422 63.86 31.17 25.79
C LYS K 422 64.61 30.23 26.74
N LEU K 423 64.42 30.42 28.04
CA LEU K 423 65.06 29.56 29.04
C LEU K 423 64.47 28.16 28.98
N LEU K 424 63.17 28.08 28.73
CA LEU K 424 62.48 26.80 28.61
C LEU K 424 63.04 25.99 27.46
N LYS K 425 63.22 26.64 26.30
CA LYS K 425 63.80 26.00 25.14
C LYS K 425 65.21 25.50 25.43
N GLN K 426 66.00 26.32 26.11
CA GLN K 426 67.36 25.95 26.45
C GLN K 426 67.39 24.74 27.38
N LYS K 427 66.47 24.71 28.34
CA LYS K 427 66.38 23.59 29.28
C LYS K 427 65.97 22.31 28.55
N ARG K 428 65.00 22.42 27.65
CA ARG K 428 64.55 21.27 26.90
C ARG K 428 65.67 20.67 26.06
N ILE K 429 66.41 21.53 25.38
CA ILE K 429 67.51 21.07 24.53
C ILE K 429 68.63 20.46 25.37
N THR K 430 68.97 21.13 26.47
CA THR K 430 70.04 20.69 27.36
C THR K 430 69.75 19.31 27.95
N LEU K 431 68.49 19.09 28.32
CA LEU K 431 68.08 17.83 28.93
C LEU K 431 67.82 16.74 27.89
N GLY K 432 67.84 17.11 26.61
CA GLY K 432 67.63 16.17 25.52
C GLY K 432 66.16 15.81 25.30
N TYR K 433 65.26 16.61 25.85
CA TYR K 433 63.82 16.34 25.73
C TYR K 433 63.24 16.87 24.42
N THR K 434 62.23 16.18 23.91
CA THR K 434 61.43 16.71 22.81
C THR K 434 60.32 17.60 23.35
N GLN K 435 59.69 18.37 22.47
CA GLN K 435 58.55 19.18 22.87
C GLN K 435 57.39 18.29 23.34
N ALA K 436 57.29 17.11 22.74
CA ALA K 436 56.30 16.13 23.15
C ALA K 436 56.56 15.63 24.57
N ASP K 437 57.83 15.46 24.91
CA ASP K 437 58.20 14.97 26.23
C ASP K 437 57.85 15.97 27.32
N VAL K 438 57.97 17.26 27.00
CA VAL K 438 57.61 18.29 27.96
C VAL K 438 56.13 18.22 28.28
N GLY K 439 55.30 18.09 27.23
CA GLY K 439 53.86 18.03 27.42
C GLY K 439 53.45 16.78 28.18
N LEU K 440 54.14 15.67 27.92
CA LEU K 440 53.88 14.42 28.63
C LEU K 440 54.25 14.52 30.10
N THR K 441 55.36 15.21 30.38
CA THR K 441 55.82 15.39 31.74
C THR K 441 54.87 16.27 32.54
N LEU K 442 54.32 17.30 31.89
CA LEU K 442 53.32 18.14 32.52
C LEU K 442 52.07 17.34 32.85
N GLY K 443 51.75 16.37 32.00
CA GLY K 443 50.63 15.48 32.26
C GLY K 443 50.84 14.69 33.54
N VAL K 444 52.06 14.24 33.75
CA VAL K 444 52.39 13.53 34.98
C VAL K 444 52.30 14.45 36.20
N LEU K 445 52.80 15.68 36.05
CA LEU K 445 52.85 16.62 37.17
C LEU K 445 51.49 17.21 37.52
N PHE K 446 50.68 17.52 36.52
CA PHE K 446 49.44 18.26 36.75
C PHE K 446 48.18 17.53 36.30
N GLY K 447 48.34 16.50 35.48
CA GLY K 447 47.19 15.81 34.90
C GLY K 447 46.85 16.36 33.52
N LYS K 448 47.43 17.50 33.17
CA LYS K 448 47.20 18.12 31.88
C LYS K 448 48.27 17.72 30.87
N VAL K 449 47.94 16.77 30.02
CA VAL K 449 48.92 16.21 29.09
C VAL K 449 48.94 16.95 27.76
N PHE K 450 49.86 17.91 27.65
CA PHE K 450 49.92 18.77 26.49
C PHE K 450 50.56 18.08 25.30
N SER K 451 50.12 18.43 24.11
CA SER K 451 50.78 17.99 22.88
C SER K 451 52.02 18.82 22.59
N GLN K 452 52.80 18.37 21.61
CA GLN K 452 53.97 19.10 21.16
C GLN K 452 53.59 20.42 20.51
N THR K 453 52.35 20.51 20.06
CA THR K 453 51.88 21.71 19.37
C THR K 453 51.80 22.88 20.32
N THR K 454 51.25 22.64 21.51
CA THR K 454 51.15 23.67 22.53
C THR K 454 52.52 24.11 23.01
N ILE K 455 53.41 23.14 23.19
CA ILE K 455 54.76 23.44 23.65
C ILE K 455 55.54 24.17 22.57
N CYS K 456 55.40 23.74 21.33
CA CYS K 456 56.05 24.39 20.20
C CYS K 456 55.59 25.84 20.07
N ARG K 457 54.28 26.04 20.15
CA ARG K 457 53.71 27.38 20.03
C ARG K 457 54.15 28.26 21.19
N PHE K 458 54.30 27.68 22.38
CA PHE K 458 54.78 28.44 23.52
C PHE K 458 56.21 28.93 23.26
N GLU K 459 57.07 28.02 22.84
CA GLU K 459 58.47 28.36 22.56
C GLU K 459 58.56 29.34 21.40
N ALA K 460 57.68 29.18 20.42
CA ALA K 460 57.65 30.02 19.23
C ALA K 460 56.88 31.32 19.48
N LEU K 461 56.35 31.48 20.69
CA LEU K 461 55.63 32.69 21.07
C LEU K 461 54.41 32.92 20.17
N GLN K 462 53.81 31.84 19.69
CA GLN K 462 52.63 31.93 18.85
C GLN K 462 51.36 32.03 19.70
N LEU K 463 51.49 31.66 20.97
CA LEU K 463 50.39 31.75 21.91
C LEU K 463 50.20 33.20 22.36
N SER K 464 48.99 33.53 22.79
CA SER K 464 48.72 34.83 23.38
C SER K 464 49.45 34.96 24.71
N PHE K 465 49.69 36.19 25.14
CA PHE K 465 50.36 36.42 26.41
C PHE K 465 49.55 35.84 27.57
N LYS K 466 48.23 35.89 27.46
CA LYS K 466 47.38 35.34 28.50
C LYS K 466 47.56 33.84 28.63
N ASN K 467 47.64 33.16 27.50
CA ASN K 467 47.83 31.72 27.50
C ASN K 467 49.20 31.33 28.03
N MET K 468 50.21 32.12 27.70
CA MET K 468 51.55 31.86 28.20
C MET K 468 51.63 32.09 29.70
N CYS K 469 50.92 33.10 30.19
CA CYS K 469 50.85 33.35 31.63
C CYS K 469 50.17 32.21 32.37
N LYS K 470 49.17 31.60 31.74
CA LYS K 470 48.42 30.52 32.38
C LYS K 470 49.15 29.19 32.32
N LEU K 471 49.93 28.98 31.27
CA LEU K 471 50.69 27.73 31.12
C LEU K 471 52.07 27.83 31.77
N ARG K 472 52.63 29.03 31.81
CA ARG K 472 53.96 29.23 32.37
C ARG K 472 54.22 28.54 33.71
N PRO K 473 53.33 28.66 34.71
CA PRO K 473 53.48 28.10 36.05
C PRO K 473 53.67 26.59 36.01
N LEU K 474 53.09 25.94 35.01
CA LEU K 474 53.21 24.50 34.86
C LEU K 474 54.57 24.17 34.27
N LEU K 475 54.98 24.98 33.31
CA LEU K 475 56.29 24.85 32.68
C LEU K 475 57.42 25.19 33.64
N GLN K 476 57.16 26.12 34.57
CA GLN K 476 58.15 26.46 35.58
C GLN K 476 58.42 25.26 36.49
N LYS K 477 57.36 24.53 36.82
CA LYS K 477 57.52 23.32 37.61
C LYS K 477 58.31 22.27 36.83
N TRP K 478 58.05 22.18 35.52
CA TRP K 478 58.79 21.29 34.66
C TRP K 478 60.29 21.60 34.68
N VAL K 479 60.63 22.89 34.62
CA VAL K 479 62.02 23.31 34.67
C VAL K 479 62.68 22.91 35.98
N GLU K 480 61.96 23.09 37.09
CA GLU K 480 62.47 22.69 38.39
C GLU K 480 62.64 21.17 38.51
N GLU K 481 61.69 20.42 37.94
CA GLU K 481 61.73 18.96 37.93
C GLU K 481 62.55 18.46 36.75
N VAL L 11 -50.25 23.60 11.75
N VAL L 11 -58.26 -5.66 26.74
CA VAL L 11 -49.86 23.57 10.34
CA VAL L 11 -57.57 -6.89 26.28
C VAL L 11 -48.73 22.57 10.09
C VAL L 11 -57.54 -6.96 24.74
N LYS L 12 -47.77 22.53 11.02
N LYS L 12 -58.62 -6.56 24.07
CA LYS L 12 -46.67 21.58 10.92
CA LYS L 12 -58.71 -6.49 22.60
C LYS L 12 -47.18 20.16 11.12
C LYS L 12 -57.74 -5.46 22.03
N ARG L 13 -48.17 20.00 12.01
N ARG L 13 -57.64 -4.30 22.73
CA ARG L 13 -48.80 18.71 12.23
CA ARG L 13 -56.66 -3.23 22.38
C ARG L 13 -49.51 18.24 10.98
C ARG L 13 -55.24 -3.81 22.51
N ARG L 14 -50.24 19.16 10.35
N ARG L 14 -54.89 -4.35 23.67
CA ARG L 14 -50.96 18.87 9.12
CA ARG L 14 -53.57 -5.00 23.88
C ARG L 14 -49.98 18.49 8.01
C ARG L 14 -53.26 -6.04 22.81
N THR L 15 -48.88 19.20 7.94
N THR L 15 -54.21 -6.94 22.53
CA THR L 15 -47.85 18.95 6.93
CA THR L 15 -54.08 -7.97 21.49
C THR L 15 -47.27 17.55 7.12
C THR L 15 -53.75 -7.34 20.14
N HIS L 16 -47.00 17.19 8.37
N HIS L 16 -54.52 -6.32 19.72
CA HIS L 16 -46.49 15.87 8.68
CA HIS L 16 -54.28 -5.62 18.48
C HIS L 16 -47.50 14.79 8.31
C HIS L 16 -52.90 -4.96 18.45
N ASN L 17 -48.77 15.02 8.64
N ASN L 17 -52.51 -4.27 19.52
CA ASN L 17 -49.82 14.06 8.35
CA ASN L 17 -51.18 -3.67 19.63
C ASN L 17 -49.90 13.75 6.86
C ASN L 17 -50.07 -4.72 19.41
N VAL L 18 -49.88 14.80 6.03
N VAL L 18 -50.07 -5.82 20.16
CA VAL L 18 -50.04 14.60 4.59
CA VAL L 18 -48.97 -6.81 20.10
C VAL L 18 -48.79 14.00 3.96
C VAL L 18 -48.96 -7.57 18.77
N LEU L 19 -47.61 14.40 4.45
N LEU L 19 -50.11 -7.92 18.22
CA LEU L 19 -46.37 13.85 3.91
CA LEU L 19 -50.19 -8.54 16.90
C LEU L 19 -46.24 12.38 4.24
C LEU L 19 -49.66 -7.61 15.82
N GLU L 20 -46.63 12.00 5.46
N GLU L 20 -50.09 -6.35 15.81
CA GLU L 20 -46.61 10.60 5.86
CA GLU L 20 -49.60 -5.37 14.84
C GLU L 20 -47.67 9.82 5.11
C GLU L 20 -48.09 -5.13 15.01
N ARG L 21 -48.84 10.43 4.92
N ARG L 21 -47.62 -5.00 16.25
CA ARG L 21 -49.91 9.79 4.15
CA ARG L 21 -46.19 -4.85 16.58
C ARG L 21 -49.47 9.51 2.72
C ARG L 21 -45.36 -6.01 16.04
N GLN L 22 -48.77 10.47 2.14
N GLN L 22 -45.78 -7.26 16.26
CA GLN L 22 -48.25 10.30 0.78
CA GLN L 22 -45.12 -8.42 15.69
C GLN L 22 -47.11 9.31 0.75
C GLN L 22 -45.21 -8.42 14.15
N ARG L 23 -46.26 9.31 1.78
N ARG L 23 -46.37 -8.09 13.57
CA ARG L 23 -45.15 8.39 1.83
CA ARG L 23 -46.55 -7.99 12.12
C ARG L 23 -45.64 6.95 1.83
C ARG L 23 -45.58 -7.00 11.48
N ARG L 24 -46.73 6.69 2.55
N ARG L 24 -45.29 -5.89 12.18
CA ARG L 24 -47.35 5.36 2.52
CA ARG L 24 -44.29 -4.91 11.68
C ARG L 24 -47.83 5.00 1.12
C ARG L 24 -42.89 -5.52 11.73
N ASN L 25 -48.45 5.97 0.44
N ASN L 25 -42.53 -6.15 12.83
CA ASN L 25 -48.94 5.75 -0.92
CA ASN L 25 -41.23 -6.80 12.98
C ASN L 25 -47.80 5.55 -1.91
C ASN L 25 -41.02 -7.91 11.94
N GLU L 26 -46.70 6.28 -1.71
N GLU L 26 -42.04 -8.73 11.72
CA GLU L 26 -45.54 6.13 -2.56
CA GLU L 26 -42.06 -9.73 10.65
C GLU L 26 -44.93 4.75 -2.37
C GLU L 26 -41.87 -9.09 9.27
N LEU L 27 -44.93 4.28 -1.12
N LEU L 27 -42.58 -8.00 8.96
CA LEU L 27 -44.41 2.96 -0.81
CA LEU L 27 -42.42 -7.27 7.70
C LEU L 27 -45.29 1.88 -1.41
C LEU L 27 -40.99 -6.70 7.57
N LYS L 28 -46.61 2.09 -1.35
N LYS L 28 -40.43 -6.11 8.61
CA LYS L 28 -47.54 1.15 -1.97
CA LYS L 28 -39.03 -5.66 8.62
C LYS L 28 -47.28 1.03 -3.45
C LYS L 28 -38.06 -6.80 8.33
N ARG L 29 -47.00 2.15 -4.11
N ARG L 29 -38.24 -7.96 8.97
CA ARG L 29 -46.69 2.14 -5.53
CA ARG L 29 -37.43 -9.15 8.67
C ARG L 29 -45.42 1.34 -5.81
C ARG L 29 -37.58 -9.57 7.21
N SER L 30 -44.44 1.48 -4.92
N SER L 30 -38.78 -9.51 6.63
CA SER L 30 -43.21 0.70 -5.04
CA SER L 30 -38.97 -9.73 5.20
C SER L 30 -43.49 -0.79 -4.82
C SER L 30 -38.25 -8.70 4.33
N PHE L 31 -44.42 -1.09 -3.93
N PHE L 31 -38.26 -7.41 4.71
CA PHE L 31 -44.85 -2.47 -3.71
CA PHE L 31 -37.47 -6.38 4.04
C PHE L 31 -45.51 -3.05 -4.95
C PHE L 31 -35.97 -6.65 4.12
N PHE L 32 -46.33 -2.24 -5.59
N PHE L 32 -35.45 -7.03 5.28
CA PHE L 32 -47.00 -2.68 -6.81
CA PHE L 32 -34.04 -7.38 5.44
C PHE L 32 -46.01 -2.88 -7.95
C PHE L 32 -33.66 -8.63 4.66
N ALA L 33 -45.02 -1.98 -8.03
N ALA L 33 -34.53 -9.65 4.61
CA ALA L 33 -44.02 -2.10 -9.07
CA ALA L 33 -34.30 -10.84 3.80
C ALA L 33 -43.26 -3.41 -8.95
C ALA L 33 -34.14 -10.46 2.32
N LEU L 34 -42.95 -3.80 -7.72
N LEU L 34 -35.02 -9.59 1.80
CA LEU L 34 -42.32 -5.09 -7.46
CA LEU L 34 -34.92 -9.09 0.43
C LEU L 34 -43.28 -6.25 -7.67
C LEU L 34 -33.69 -8.19 0.22
N ARG L 35 -44.50 -6.07 -7.17
N ARG L 35 -33.47 -7.24 1.13
CA ARG L 35 -45.52 -7.13 -7.28
CA ARG L 35 -32.33 -6.31 1.01
C ARG L 35 -45.75 -7.52 -8.74
C ARG L 35 -31.01 -7.09 1.00
N ASP L 36 -45.89 -6.53 -9.59
N ASP L 36 -30.81 -8.03 1.90
CA ASP L 36 -46.20 -6.76 -11.00
CA ASP L 36 -29.59 -8.84 1.97
C ASP L 36 -45.05 -7.41 -11.75
C ASP L 36 -29.39 -9.73 0.75
N GLN L 37 -43.86 -7.36 -11.16
N GLN L 37 -30.45 -10.03 0.01
CA GLN L 37 -42.65 -7.84 -11.81
CA GLN L 37 -30.38 -10.82 -1.21
C GLN L 37 -42.40 -9.32 -11.49
C GLN L 37 -29.92 -10.01 -2.44
N ILE L 38 -43.16 -9.86 -10.54
N ILE L 38 -29.97 -8.67 -2.39
CA ILE L 38 -43.02 -11.25 -10.15
CA ILE L 38 -29.66 -7.81 -3.54
C ILE L 38 -44.20 -12.07 -10.68
C ILE L 38 -28.24 -7.24 -3.37
N PRO L 39 -43.95 -13.04 -11.57
N PRO L 39 -27.31 -7.49 -4.30
CA PRO L 39 -44.94 -13.86 -12.24
CA PRO L 39 -25.92 -7.04 -4.19
C PRO L 39 -45.86 -14.59 -11.26
C PRO L 39 -25.79 -5.52 -4.11
N GLU L 40 -45.33 -14.91 -10.09
N GLU L 40 -26.61 -4.78 -4.88
CA GLU L 40 -46.10 -15.61 -9.07
CA GLU L 40 -26.66 -3.32 -4.84
C GLU L 40 -47.22 -14.73 -8.50
C GLU L 40 -27.01 -2.74 -3.46
N LEU L 41 -47.01 -13.42 -8.55
N LEU L 41 -27.69 -3.51 -2.61
CA LEU L 41 -47.99 -12.48 -8.01
CA LEU L 41 -28.04 -3.14 -1.25
C LEU L 41 -48.67 -11.70 -9.13
C LEU L 41 -27.24 -3.88 -0.18
N GLU L 42 -48.59 -12.21 -10.35
N GLU L 42 -26.26 -4.71 -0.54
CA GLU L 42 -49.11 -11.49 -11.51
CA GLU L 42 -25.51 -5.56 0.41
C GLU L 42 -50.60 -11.16 -11.38
C GLU L 42 -24.93 -4.78 1.60
N ASN L 43 -51.36 -12.10 -10.83
N ASN L 43 -24.35 -3.62 1.28
CA ASN L 43 -52.80 -11.93 -10.73
CA ASN L 43 -23.74 -2.72 2.25
C ASN L 43 -53.23 -11.50 -9.33
C ASN L 43 -24.68 -1.60 2.74
N ASN L 44 -52.29 -11.46 -8.40
N ASN L 44 -25.84 -1.40 2.09
CA ASN L 44 -52.62 -11.20 -7.01
CA ASN L 44 -26.82 -0.37 2.47
C ASN L 44 -52.61 -9.70 -6.73
C ASN L 44 -27.75 -0.88 3.59
N GLU L 45 -53.62 -9.00 -7.25
N GLU L 45 -27.20 -1.14 4.78
CA GLU L 45 -53.66 -7.54 -7.20
CA GLU L 45 -27.97 -1.58 5.96
C GLU L 45 -53.74 -7.03 -5.76
C GLU L 45 -29.17 -0.66 6.26
N LYS L 46 -54.26 -7.84 -4.87
N LYS L 46 -28.98 0.65 6.12
CA LYS L 46 -54.43 -7.46 -3.48
CA LYS L 46 -29.98 1.70 6.31
C LYS L 46 -53.34 -8.06 -2.59
C LYS L 46 -30.85 1.95 5.07
N ALA L 47 -52.26 -8.54 -3.21
N ALA L 47 -30.93 1.00 4.13
CA ALA L 47 -51.16 -9.10 -2.45
CA ALA L 47 -31.81 1.14 2.96
C ALA L 47 -50.68 -8.12 -1.37
C ALA L 47 -33.28 1.26 3.39
N PRO L 48 -50.60 -8.56 -0.11
N PRO L 48 -34.00 2.28 2.93
CA PRO L 48 -50.20 -7.80 1.06
CA PRO L 48 -35.40 2.47 3.29
C PRO L 48 -48.70 -7.57 1.06
C PRO L 48 -36.34 1.54 2.52
N LYS L 49 -48.27 -6.55 1.78
N LYS L 49 -37.52 1.26 3.11
CA LYS L 49 -46.86 -6.15 1.80
CA LYS L 49 -38.50 0.31 2.52
C LYS L 49 -45.94 -7.29 2.22
C LYS L 49 -38.79 0.60 1.04
N VAL L 50 -46.34 -8.05 3.22
N VAL L 50 -39.03 1.87 0.72
CA VAL L 50 -45.50 -9.12 3.74
CA VAL L 50 -39.30 2.31 -0.67
C VAL L 50 -45.30 -10.25 2.71
C VAL L 50 -38.14 2.00 -1.64
N VAL L 51 -46.34 -10.55 1.96
N VAL L 51 -36.90 2.25 -1.22
CA VAL L 51 -46.26 -11.60 0.95
CA VAL L 51 -35.72 1.97 -2.05
C VAL L 51 -45.41 -11.17 -0.23
C VAL L 51 -35.53 0.48 -2.23
N ILE L 52 -45.53 -9.90 -0.62
N ILE L 52 -35.73 -0.31 -1.17
CA ILE L 52 -44.75 -9.40 -1.74
CA ILE L 52 -35.64 -1.77 -1.27
C ILE L 52 -43.26 -9.48 -1.43
C ILE L 52 -36.60 -2.28 -2.35
N LEU L 53 -42.88 -9.08 -0.22
N LEU L 53 -37.86 -1.85 -2.33
CA LEU L 53 -41.48 -9.11 0.17
CA LEU L 53 -38.86 -2.27 -3.34
C LEU L 53 -40.94 -10.53 0.29
C LEU L 53 -38.49 -1.82 -4.76
N LYS L 54 -41.73 -11.42 0.87
N LYS L 54 -38.11 -0.55 -4.93
CA LYS L 54 -41.31 -12.80 1.07
CA LYS L 54 -37.75 0.02 -6.25
C LYS L 54 -41.18 -13.54 -0.26
C LYS L 54 -36.51 -0.66 -6.83
N LYS L 55 -42.14 -13.34 -1.14
N LYS L 55 -35.43 -0.78 -6.06
CA LYS L 55 -42.13 -14.02 -2.42
CA LYS L 55 -34.19 -1.44 -6.50
C LYS L 55 -41.15 -13.37 -3.39
C LYS L 55 -34.34 -2.95 -6.62
N ALA L 56 -40.94 -12.06 -3.25
N ALA L 56 -35.13 -3.62 -5.78
CA ALA L 56 -39.92 -11.39 -4.04
CA ALA L 56 -35.46 -5.03 -5.96
C ALA L 56 -38.55 -11.93 -3.68
C ALA L 56 -36.17 -5.26 -7.31
N THR L 57 -38.33 -12.19 -2.40
N THR L 57 -37.09 -4.37 -7.67
CA THR L 57 -37.07 -12.74 -1.94
CA THR L 57 -37.77 -4.41 -8.98
C THR L 57 -36.89 -14.14 -2.51
C THR L 57 -36.75 -4.33 -10.11
N ALA L 58 -37.93 -14.97 -2.38
N ALA L 58 -35.93 -3.27 -10.13
CA ALA L 58 -37.86 -16.34 -2.88
CA ALA L 58 -34.90 -3.07 -11.13
C ALA L 58 -37.67 -16.36 -4.39
C ALA L 58 -33.90 -4.26 -11.21
N TYR L 59 -38.34 -15.45 -5.09
N TYR L 59 -33.48 -4.78 -10.05
CA TYR L 59 -38.25 -15.40 -6.54
CA TYR L 59 -32.56 -5.90 -9.94
C TYR L 59 -36.85 -15.00 -6.99
C TYR L 59 -33.15 -7.20 -10.50
N ILE L 60 -36.29 -13.98 -6.37
N ILE L 60 -34.40 -7.52 -10.17
CA ILE L 60 -34.96 -13.53 -6.74
CA ILE L 60 -35.06 -8.70 -10.73
C ILE L 60 -33.92 -14.60 -6.48
C ILE L 60 -35.17 -8.59 -12.25
N LEU L 61 -34.03 -15.27 -5.34
N LEU L 61 -35.57 -7.42 -12.77
CA LEU L 61 -33.10 -16.34 -4.99
CA LEU L 61 -35.65 -7.19 -14.22
C LEU L 61 -33.18 -17.51 -5.97
C LEU L 61 -34.29 -7.31 -14.91
N SER L 62 -34.40 -17.86 -6.40
N SER L 62 -33.21 -6.76 -14.31
CA SER L 62 -34.55 -18.95 -7.36
CA SER L 62 -31.86 -6.89 -14.89
C SER L 62 -34.01 -18.56 -8.74
C SER L 62 -31.36 -8.34 -14.84
N VAL L 63 -34.12 -17.27 -9.06
N VAL L 63 -31.67 -9.09 -13.78
CA VAL L 63 -33.59 -16.75 -10.31
CA VAL L 63 -31.33 -10.51 -13.65
C VAL L 63 -32.06 -16.68 -10.26
C VAL L 63 -32.13 -11.39 -14.63
N GLN L 64 -31.53 -16.32 -9.10
N GLN L 64 -33.40 -11.06 -14.88
CA GLN L 64 -30.08 -16.33 -8.90
CA GLN L 64 -34.20 -11.70 -15.93
C GLN L 64 -29.53 -17.75 -8.97
C GLN L 64 -33.60 -11.42 -17.32
N ALA L 65 -30.28 -18.71 -8.44
N ALA L 65 -33.11 -10.20 -17.57
CA ALA L 65 -29.90 -20.11 -8.55
CA ALA L 65 -32.38 -9.87 -18.80
C ALA L 65 -29.90 -20.55 -10.01
C ALA L 65 -31.04 -10.63 -18.89
N GLU L 66 -30.85 -20.05 -10.78
N GLU L 66 -30.31 -10.78 -17.78
CA GLU L 66 -30.91 -20.32 -12.21
CA GLU L 66 -29.09 -11.60 -17.72
C GLU L 66 -29.67 -19.78 -12.92
C GLU L 66 -29.37 -13.06 -18.07
N GLU L 67 -29.24 -18.59 -12.54
N GLU L 67 -30.49 -13.65 -17.60
CA GLU L 67 -28.02 -18.03 -13.12
CA GLU L 67 -30.87 -15.00 -18.02
C GLU L 67 -26.82 -18.94 -12.87
C GLU L 67 -31.00 -15.10 -19.55
N GLN L 68 -26.73 -19.50 -11.67
N GLN L 68 -31.62 -14.11 -20.21
CA GLN L 68 -25.60 -20.37 -11.35
CA GLN L 68 -31.76 -14.10 -21.66
C GLN L 68 -25.64 -21.64 -12.20
C GLN L 68 -30.41 -13.98 -22.38
N LYS L 69 -26.84 -22.14 -12.45
N LYS L 69 -29.48 -13.18 -21.84
CA LYS L 69 -27.00 -23.29 -13.33
CA LYS L 69 -28.10 -13.09 -22.35
C LYS L 69 -26.60 -22.95 -14.76
C LYS L 69 -27.37 -14.44 -22.20
N LEU L 70 -27.03 -21.80 -15.23
N LEU L 70 -27.44 -15.05 -21.01
CA LEU L 70 -26.77 -21.38 -16.60
CA LEU L 70 -26.76 -16.31 -20.72
C LEU L 70 -25.29 -21.12 -16.85
C LEU L 70 -27.28 -17.47 -21.57
N ILE L 71 -24.63 -20.44 -15.91
N ILE L 71 -28.60 -17.66 -21.69
CA ILE L 71 -23.21 -20.13 -16.08
CA ILE L 71 -29.14 -18.73 -22.54
C ILE L 71 -22.37 -21.40 -16.04
C ILE L 71 -28.79 -18.52 -24.02
N SER L 72 -22.80 -22.38 -15.25
N SER L 72 -28.68 -17.26 -24.47
CA SER L 72 -22.11 -23.66 -15.20
CA SER L 72 -28.19 -16.96 -25.83
C SER L 72 -22.18 -24.35 -16.56
C SER L 72 -26.73 -17.39 -26.02
N GLU L 73 -23.36 -24.33 -17.19
N GLU L 73 -25.83 -17.05 -25.09
CA GLU L 73 -23.50 -24.92 -18.50
CA GLU L 73 -24.44 -17.50 -25.13
C GLU L 73 -22.67 -24.19 -19.55
C GLU L 73 -24.32 -19.03 -25.07
N GLU L 74 -22.65 -22.86 -19.45
N GLU L 74 -25.11 -19.69 -24.22
CA GLU L 74 -21.85 -22.05 -20.37
CA GLU L 74 -25.18 -21.14 -24.16
C GLU L 74 -20.37 -22.38 -20.25
C GLU L 74 -25.60 -21.75 -25.51
N ASP L 75 -19.89 -22.53 -19.02
N ASP L 75 -26.67 -21.24 -26.13
CA ASP L 75 -18.48 -22.84 -18.78
CA ASP L 75 -27.15 -21.71 -27.42
C ASP L 75 -18.11 -24.20 -19.34
C ASP L 75 -26.11 -21.54 -28.54
N LEU L 76 -18.99 -25.18 -19.14
N LEU L 76 -25.44 -20.38 -28.60
CA LEU L 76 -18.77 -26.52 -19.67
CA LEU L 76 -24.33 -20.13 -29.51
C LEU L 76 -18.75 -26.52 -21.19
C LEU L 76 -23.16 -21.11 -29.27
N LEU L 77 -19.65 -25.74 -21.80
N LEU L 77 -22.81 -21.37 -28.00
CA LEU L 77 -19.70 -25.65 -23.24
CA LEU L 77 -21.76 -22.33 -27.67
C LEU L 77 -18.48 -24.96 -23.82
C LEU L 77 -22.15 -23.78 -28.00
N ARG L 78 -17.97 -23.94 -23.13
N ARG L 78 -23.44 -24.11 -27.86
CA ARG L 78 -16.75 -23.29 -23.56
CA ARG L 78 -23.92 -25.47 -28.26
C ARG L 78 -15.58 -24.25 -23.53
C ARG L 78 -23.79 -25.57 -29.79
N LYS L 79 -15.51 -25.08 -22.49
N LYS L 79 -24.20 -24.54 -30.52
CA LYS L 79 -14.45 -26.07 -22.38
CA LYS L 79 -24.02 -24.54 -31.99
C LYS L 79 -14.57 -27.11 -23.50
C LYS L 79 -22.55 -24.81 -32.27
N ARG L 80 -15.80 -27.50 -23.82
N ARG L 80 -21.66 -23.96 -31.74
CA ARG L 80 -16.04 -28.45 -24.89
CA ARG L 80 -20.20 -24.11 -31.94
C ARG L 80 -15.65 -27.86 -26.23
C ARG L 80 -19.73 -25.53 -31.64
N ARG L 81 -15.94 -26.59 -26.44
N ARG L 81 -20.19 -26.15 -30.55
CA ARG L 81 -15.59 -25.90 -27.67
CA ARG L 81 -19.86 -27.54 -30.19
C ARG L 81 -14.08 -25.90 -27.87
C ARG L 81 -20.26 -28.52 -31.28
N GLU L 82 -13.33 -25.64 -26.80
N GLU L 82 -21.48 -28.39 -31.79
CA GLU L 82 -11.87 -25.61 -26.88
CA GLU L 82 -21.98 -29.22 -32.90
C GLU L 82 -11.30 -26.99 -27.17
C GLU L 82 -21.14 -29.04 -34.18
N GLN L 83 -11.89 -28.01 -26.57
N GLN L 83 -20.79 -27.79 -34.54
CA GLN L 83 -11.44 -29.39 -26.79
CA GLN L 83 -19.91 -27.51 -35.68
C GLN L 83 -11.72 -29.84 -28.22
C GLN L 83 -18.50 -28.10 -35.51
N LEU L 84 -12.85 -29.42 -28.77
N LEU L 84 -17.93 -28.03 -34.30
CA LEU L 84 -13.20 -29.78 -30.14
CA LEU L 84 -16.62 -28.62 -34.02
C LEU L 84 -12.28 -29.09 -31.14
C LEU L 84 -16.65 -30.15 -34.06
N LYS L 85 -11.94 -27.83 -30.88
N LYS L 85 -17.68 -30.79 -33.50
CA LYS L 85 -10.99 -27.12 -31.74
CA LYS L 85 -17.88 -32.25 -33.64
C LYS L 85 -9.62 -27.78 -31.68
C LYS L 85 -18.05 -32.65 -35.11
N HIS L 86 -9.24 -28.24 -30.49
N HIS L 86 -18.81 -31.89 -35.88
CA HIS L 86 -7.99 -28.95 -30.30
CA HIS L 86 -18.94 -32.09 -37.34
C HIS L 86 -7.96 -30.25 -31.10
C HIS L 86 -17.60 -31.94 -38.07
N LYS L 87 -9.09 -30.95 -31.11
N LYS L 87 -16.76 -30.98 -37.70
CA LYS L 87 -9.19 -32.19 -31.88
CA LYS L 87 -15.39 -30.87 -38.23
C LYS L 87 -9.05 -31.92 -33.38
C LYS L 87 -14.53 -32.09 -37.87
N LEU L 88 -9.65 -30.83 -33.85
N LEU L 88 -14.57 -32.56 -36.62
CA LEU L 88 -9.57 -30.47 -35.26
CA LEU L 88 -13.87 -33.79 -36.22
C LEU L 88 -8.14 -30.11 -35.67
C LEU L 88 -14.36 -35.03 -36.98
N GLU L 89 -7.41 -29.47 -34.74
N GLU L 89 -15.65 -35.14 -37.27
CA GLU L 89 -6.01 -29.12 -35.01
CA GLU L 89 -16.21 -36.24 -38.07
C GLU L 89 -5.15 -30.38 -35.17
C GLU L 89 -15.75 -36.21 -39.54
N ASP M 3 -58.95 -5.37 26.59
N ASP M 3 -49.37 23.24 12.36
CA ASP M 3 -58.55 -6.67 26.08
CA ASP M 3 -48.99 23.31 10.94
C ASP M 3 -58.32 -6.61 24.57
C ASP M 3 -48.03 22.18 10.56
N LYS M 4 -59.39 -6.37 23.81
N LYS M 4 -46.91 22.09 11.28
CA LYS M 4 -59.37 -6.46 22.35
CA LYS M 4 -45.84 21.10 11.04
C LYS M 4 -58.39 -5.47 21.71
C LYS M 4 -46.34 19.66 11.15
N ARG M 5 -58.32 -4.26 22.26
N ARG M 5 -47.24 19.38 12.10
CA ARG M 5 -57.42 -3.25 21.73
CA ARG M 5 -47.86 18.05 12.29
C ARG M 5 -55.97 -3.65 21.95
C ARG M 5 -48.81 17.68 11.14
N ALA M 6 -55.67 -4.13 23.15
N ALA M 6 -49.67 18.60 10.70
CA ALA M 6 -54.31 -4.56 23.48
CA ALA M 6 -50.54 18.35 9.56
C ALA M 6 -53.91 -5.75 22.62
C ALA M 6 -49.74 18.13 8.26
N HIS M 7 -54.87 -6.62 22.34
N HIS M 7 -48.68 18.91 8.05
CA HIS M 7 -54.64 -7.77 21.48
CA HIS M 7 -47.73 18.70 6.96
C HIS M 7 -54.39 -7.31 20.05
C HIS M 7 -47.03 17.34 7.07
N HIS M 8 -55.19 -6.36 19.60
N HIS M 8 -46.54 16.98 8.25
CA HIS M 8 -55.01 -5.74 18.30
CA HIS M 8 -45.94 15.66 8.52
C HIS M 8 -53.63 -5.12 18.16
C HIS M 8 -46.89 14.51 8.21
N ASN M 9 -53.17 -4.45 19.23
N ASN M 9 -48.18 14.62 8.57
CA ASN M 9 -51.84 -3.88 19.22
CA ASN M 9 -49.18 13.65 8.18
C ASN M 9 -50.79 -4.97 18.99
C ASN M 9 -49.22 13.49 6.64
N ALA M 10 -50.97 -6.11 19.67
N ALA M 10 -49.24 14.59 5.89
CA ALA M 10 -50.04 -7.22 19.52
CA ALA M 10 -49.23 14.55 4.42
C ALA M 10 -50.07 -7.80 18.11
C ALA M 10 -47.94 13.91 3.85
N LEU M 11 -51.26 -7.87 17.51
N LEU M 11 -46.78 14.24 4.42
CA LEU M 11 -51.40 -8.39 16.16
CA LEU M 11 -45.50 13.60 4.07
C LEU M 11 -50.71 -7.46 15.15
C LEU M 11 -45.55 12.09 4.32
N GLU M 12 -50.88 -6.16 15.37
N GLU M 12 -46.06 11.67 5.48
CA GLU M 12 -50.26 -5.15 14.51
CA GLU M 12 -46.19 10.26 5.84
C GLU M 12 -48.75 -5.16 14.64
C GLU M 12 -47.15 9.50 4.91
N ARG M 13 -48.25 -5.32 15.86
N ARG M 13 -48.30 10.09 4.56
CA ARG M 13 -46.81 -5.39 16.08
CA ARG M 13 -49.24 9.52 3.59
C ARG M 13 -46.20 -6.58 15.33
C ARG M 13 -48.56 9.33 2.22
N LYS M 14 -46.89 -7.72 15.41
N LYS M 14 -47.83 10.33 1.74
CA LYS M 14 -46.42 -8.92 14.72
CA LYS M 14 -47.06 10.24 0.48
C LYS M 14 -46.42 -8.72 13.21
C LYS M 14 -46.00 9.15 0.54
N ARG M 15 -47.46 -8.07 12.71
N ARG M 15 -45.29 9.01 1.67
CA ARG M 15 -47.55 -7.79 11.28
CA ARG M 15 -44.31 7.93 1.90
C ARG M 15 -46.36 -6.96 10.82
C ARG M 15 -44.97 6.56 1.76
N ARG M 16 -46.06 -5.89 11.56
N ARG M 16 -46.09 6.34 2.46
CA ARG M 16 -44.95 -5.02 11.22
CA ARG M 16 -46.86 5.10 2.34
C ARG M 16 -43.62 -5.75 11.31
C ARG M 16 -47.35 4.84 0.91
N ASP M 17 -43.48 -6.60 12.31
N ASP M 17 -47.78 5.87 0.18
CA ASP M 17 -42.23 -7.33 12.51
CA ASP M 17 -48.24 5.74 -1.20
C ASP M 17 -41.94 -8.28 11.35
C ASP M 17 -47.11 5.31 -2.17
N HIS M 18 -42.98 -8.95 10.86
N HIS M 18 -45.92 5.90 -2.07
CA HIS M 18 -42.81 -9.82 9.71
CA HIS M 18 -44.76 5.45 -2.85
C HIS M 18 -42.40 -9.05 8.47
C HIS M 18 -44.38 4.00 -2.55
N ILE M 19 -43.01 -7.88 8.28
N ILE M 19 -44.42 3.60 -1.28
CA ILE M 19 -42.70 -7.03 7.15
CA ILE M 19 -44.17 2.22 -0.85
C ILE M 19 -41.27 -6.51 7.23
C ILE M 19 -45.21 1.28 -1.48
N LYS M 20 -40.86 -6.05 8.41
N LYS M 20 -46.51 1.61 -1.41
CA LYS M 20 -39.51 -5.54 8.62
CA LYS M 20 -47.59 0.82 -2.01
C LYS M 20 -38.45 -6.60 8.32
C LYS M 20 -47.43 0.64 -3.52
N ASP M 21 -38.69 -7.83 8.80
N ASP M 21 -47.11 1.71 -4.25
CA ASP M 21 -37.75 -8.92 8.55
CA ASP M 21 -46.85 1.60 -5.69
C ASP M 21 -37.74 -9.29 7.08
C ASP M 21 -45.60 0.76 -5.98
N SER M 22 -38.90 -9.22 6.45
N SER M 22 -44.55 0.88 -5.17
CA SER M 22 -39.01 -9.55 5.03
CA SER M 22 -43.33 0.09 -5.32
C SER M 22 -38.31 -8.51 4.17
C SER M 22 -43.57 -1.39 -5.03
N PHE M 23 -38.34 -7.25 4.60
N PHE M 23 -44.42 -1.73 -4.05
CA PHE M 23 -37.60 -6.20 3.91
CA PHE M 23 -44.88 -3.09 -3.81
C PHE M 23 -36.10 -6.46 3.97
C PHE M 23 -45.58 -3.67 -5.04
N HIS M 24 -35.64 -6.90 5.14
N HIS M 24 -46.44 -2.90 -5.71
CA HIS M 24 -34.22 -7.17 5.32
CA HIS M 24 -47.13 -3.36 -6.93
C HIS M 24 -33.76 -8.33 4.42
C HIS M 24 -46.15 -3.65 -8.08
N SER M 25 -34.57 -9.38 4.35
N SER M 25 -45.18 -2.76 -8.32
CA SER M 25 -34.23 -10.53 3.53
CA SER M 25 -44.14 -3.00 -9.34
C SER M 25 -34.21 -10.17 2.04
C SER M 25 -43.28 -4.23 -9.03
N LEU M 26 -35.15 -9.31 1.64
N LEU M 26 -42.91 -4.43 -7.77
CA LEU M 26 -35.18 -8.84 0.27
CA LEU M 26 -42.16 -5.63 -7.36
C LEU M 26 -34.01 -7.92 -0.03
C LEU M 26 -43.00 -6.90 -7.51
N ARG M 27 -33.68 -7.06 0.93
N ARG M 27 -44.29 -6.86 -7.12
CA ARG M 27 -32.55 -6.14 0.80
CA ARG M 27 -45.24 -7.96 -7.27
C ARG M 27 -31.26 -6.89 0.56
C ARG M 27 -45.33 -8.41 -8.73
N ASP M 28 -31.04 -7.96 1.32
N ASP M 28 -45.50 -7.46 -9.66
CA ASP M 28 -29.83 -8.76 1.20
CA ASP M 28 -45.53 -7.74 -11.08
C ASP M 28 -29.82 -9.62 -0.07
C ASP M 28 -44.17 -8.16 -11.70
N SER M 29 -30.92 -9.62 -0.81
N SER M 29 -43.10 -8.21 -10.93
CA SER M 29 -31.00 -10.39 -2.04
CA SER M 29 -41.80 -8.76 -11.36
C SER M 29 -30.52 -9.60 -3.25
C SER M 29 -41.62 -10.24 -11.03
N VAL M 30 -30.40 -8.28 -3.08
N VAL M 30 -42.44 -10.82 -10.13
CA VAL M 30 -29.97 -7.40 -4.16
CA VAL M 30 -42.34 -12.22 -9.73
C VAL M 30 -28.59 -6.80 -3.85
C VAL M 30 -43.50 -13.05 -10.31
N PRO M 31 -27.57 -7.07 -4.69
N PRO M 31 -43.23 -14.09 -11.12
CA PRO M 31 -26.18 -6.70 -4.50
CA PRO M 31 -44.29 -14.82 -11.84
C PRO M 31 -25.97 -5.20 -4.33
C PRO M 31 -45.35 -15.47 -10.94
N SER M 32 -26.91 -4.40 -4.82
N SER M 32 -45.00 -15.82 -9.70
CA SER M 32 -26.81 -2.95 -4.69
CA SER M 32 -45.92 -16.39 -8.72
C SER M 32 -27.06 -2.50 -3.25
C SER M 32 -47.01 -15.42 -8.24
N LEU M 33 -27.80 -3.30 -2.48
N LEU M 33 -46.79 -14.09 -8.33
CA LEU M 33 -28.11 -2.94 -1.11
CA LEU M 33 -47.73 -13.05 -7.92
C LEU M 33 -27.51 -3.91 -0.10
C LEU M 33 -48.18 -12.13 -9.08
N GLN M 34 -26.92 -5.01 -0.58
N GLN M 34 -47.61 -12.28 -10.28
CA GLN M 34 -26.37 -6.01 0.33
CA GLN M 34 -47.99 -11.50 -11.47
C GLN M 34 -25.35 -5.41 1.28
C GLN M 34 -49.49 -11.63 -11.78
N GLY M 35 -25.63 -5.51 2.57
N GLY M 35 -50.20 -10.49 -11.76
CA GLY M 35 -24.73 -5.04 3.61
CA GLY M 35 -51.65 -10.43 -11.99
C GLY M 35 -24.87 -3.54 3.87
C GLY M 35 -52.52 -10.83 -10.78
N GLU M 36 -25.83 -2.91 3.20
N GLU M 36 -51.93 -11.15 -9.63
CA GLU M 36 -26.00 -1.47 3.28
CA GLU M 36 -52.62 -11.64 -8.43
C GLU M 36 -27.33 -1.07 3.89
C GLU M 36 -52.66 -10.60 -7.29
N LYS M 37 -27.39 0.13 4.45
N LYS M 37 -53.53 -10.83 -6.30
CA LYS M 37 -28.66 0.70 4.88
CA LYS M 37 -53.49 -10.14 -5.00
C LYS M 37 -29.52 1.06 3.68
C LYS M 37 -52.43 -10.77 -4.08
N ALA M 38 -30.82 0.80 3.78
N ALA M 38 -51.74 -9.95 -3.31
CA ALA M 38 -31.74 1.17 2.71
CA ALA M 38 -50.70 -10.38 -2.37
C ALA M 38 -33.13 1.43 3.25
C ALA M 38 -50.56 -9.40 -1.19
N SER M 39 -33.84 2.37 2.64
N SER M 39 -50.11 -9.90 -0.04
CA SER M 39 -35.22 2.63 2.98
CA SER M 39 -49.70 -9.05 1.09
C SER M 39 -36.13 1.54 2.43
C SER M 39 -48.28 -8.51 0.89
N ARG M 40 -37.33 1.44 2.98
N ARG M 40 -47.95 -7.44 1.62
CA ARG M 40 -38.30 0.48 2.47
CA ARG M 40 -46.59 -6.86 1.68
C ARG M 40 -38.52 0.63 0.97
C ARG M 40 -45.52 -7.90 1.97
N ALA M 41 -38.69 1.87 0.53
N ALA M 41 -45.75 -8.72 3.00
CA ALA M 41 -38.93 2.15 -0.88
CA ALA M 41 -44.83 -9.78 3.39
C ALA M 41 -37.74 1.74 -1.75
C ALA M 41 -44.67 -10.84 2.30
N GLN M 42 -36.53 1.99 -1.25
N GLN M 42 -45.77 -11.26 1.66
CA GLN M 42 -35.33 1.65 -2.01
CA GLN M 42 -45.72 -12.21 0.53
C GLN M 42 -35.20 0.15 -2.19
C GLN M 42 -44.91 -11.66 -0.64
N ILE M 43 -35.58 -0.61 -1.17
N ILE M 43 -45.06 -10.39 -1.00
CA ILE M 43 -35.50 -2.05 -1.24
CA ILE M 43 -44.32 -9.76 -2.09
C ILE M 43 -36.43 -2.59 -2.32
C ILE M 43 -42.80 -9.79 -1.80
N LEU M 44 -37.65 -2.07 -2.35
N LEU M 44 -42.39 -9.40 -0.59
CA LEU M 44 -38.62 -2.48 -3.36
CA LEU M 44 -40.98 -9.43 -0.19
C LEU M 44 -38.19 -2.08 -4.76
C LEU M 44 -40.42 -10.86 -0.15
N ASP M 45 -37.66 -0.86 -4.90
N ASP M 45 -41.17 -11.80 0.41
CA ASP M 45 -37.24 -0.36 -6.21
CA ASP M 45 -40.77 -13.20 0.46
C ASP M 45 -36.06 -1.16 -6.75
C ASP M 45 -40.63 -13.82 -0.94
N LYS M 46 -35.11 -1.47 -5.88
N LYS M 46 -41.63 -13.60 -1.82
CA LYS M 46 -33.95 -2.26 -6.29
CA LYS M 46 -41.56 -14.10 -3.20
C LYS M 46 -34.34 -3.69 -6.61
C LYS M 46 -40.46 -13.43 -4.00
N ALA M 47 -35.25 -4.25 -5.84
N ALA M 47 -40.23 -12.12 -3.85
CA ALA M 47 -35.74 -5.60 -6.14
CA ALA M 47 -39.06 -11.47 -4.44
C ALA M 47 -36.44 -5.62 -7.49
C ALA M 47 -37.76 -12.10 -3.93
N THR M 48 -37.18 -4.56 -7.79
N THR M 48 -37.64 -12.32 -2.63
CA THR M 48 -37.92 -4.49 -9.05
CA THR M 48 -36.45 -12.91 -2.02
C THR M 48 -36.99 -4.47 -10.24
C THR M 48 -36.14 -14.30 -2.58
N GLU M 49 -35.99 -3.58 -10.21
N GLU M 49 -37.12 -15.22 -2.56
CA GLU M 49 -35.06 -3.46 -11.32
CA GLU M 49 -36.89 -16.57 -3.08
C GLU M 49 -34.10 -4.64 -11.36
C GLU M 49 -36.77 -16.59 -4.60
N TYR M 50 -33.79 -5.20 -10.21
N TYR M 50 -37.48 -15.72 -5.32
CA TYR M 50 -32.87 -6.33 -10.13
CA TYR M 50 -37.35 -15.63 -6.77
C TYR M 50 -33.49 -7.57 -10.77
C TYR M 50 -35.96 -15.15 -7.17
N ILE M 51 -34.78 -7.77 -10.56
N ILE M 51 -35.36 -14.19 -6.46
CA ILE M 51 -35.47 -8.88 -11.22
CA ILE M 51 -33.96 -13.80 -6.69
C ILE M 51 -35.44 -8.70 -12.73
C ILE M 51 -33.01 -14.98 -6.39
N GLN M 52 -35.68 -7.48 -13.19
N GLN M 52 -33.22 -15.73 -5.30
CA GLN M 52 -35.64 -7.19 -14.62
CA GLN M 52 -32.40 -16.93 -5.01
C GLN M 52 -34.24 -7.43 -15.17
C GLN M 52 -32.50 -17.97 -6.13
N TYR M 53 -33.24 -7.03 -14.40
N TYR M 53 -33.71 -18.23 -6.62
CA TYR M 53 -31.85 -7.30 -14.74
CA TYR M 53 -33.95 -19.05 -7.80
C TYR M 53 -31.57 -8.79 -14.83
C TYR M 53 -33.20 -18.50 -9.01
N MET M 54 -31.96 -9.53 -13.80
N MET M 54 -33.40 -17.24 -9.37
CA MET M 54 -31.72 -10.96 -13.75
CA MET M 54 -32.73 -16.63 -10.52
C MET M 54 -32.46 -11.69 -14.85
C MET M 54 -31.19 -16.61 -10.39
N ARG M 55 -33.64 -11.21 -15.19
N ARG M 55 -30.66 -16.43 -9.18
CA ARG M 55 -34.42 -11.81 -16.27
CA ARG M 55 -29.22 -16.52 -8.88
C ARG M 55 -33.68 -11.71 -17.60
C ARG M 55 -28.68 -17.92 -9.16
N ARG M 56 -33.20 -10.51 -17.92
N ARG M 56 -29.27 -18.97 -8.58
CA ARG M 56 -32.46 -10.31 -19.16
CA ARG M 56 -28.83 -20.35 -8.84
C ARG M 56 -31.06 -10.90 -19.09
C ARG M 56 -29.09 -20.79 -10.27
N LYS M 57 -30.49 -10.96 -17.89
N LYS M 57 -30.15 -20.29 -10.91
CA LYS M 57 -29.20 -11.60 -17.69
CA LYS M 57 -30.45 -20.48 -12.33
C LYS M 57 -29.27 -13.09 -17.95
C LYS M 57 -29.36 -19.85 -13.20
N ASN M 58 -30.30 -13.75 -17.40
N ASN M 58 -29.02 -18.59 -13.01
CA ASN M 58 -30.47 -15.17 -17.60
CA ASN M 58 -27.97 -17.90 -13.77
C ASN M 58 -30.86 -15.49 -19.03
C ASN M 58 -26.58 -18.46 -13.48
N HIS M 59 -31.60 -14.58 -19.66
N HIS M 59 -26.30 -18.90 -12.25
CA HIS M 59 -31.90 -14.69 -21.08
CA HIS M 59 -25.10 -19.69 -11.92
C HIS M 59 -30.61 -14.62 -21.88
C HIS M 59 -25.07 -21.00 -12.71
N THR M 60 -29.74 -13.68 -21.52
N THR M 60 -26.17 -21.73 -12.75
CA THR M 60 -28.46 -13.52 -22.17
CA THR M 60 -26.29 -22.97 -13.54
C THR M 60 -27.59 -14.77 -21.98
C THR M 60 -26.04 -22.69 -15.03
N HIS M 61 -27.62 -15.34 -20.79
N HIS M 61 -26.64 -21.63 -15.56
CA HIS M 61 -26.88 -16.57 -20.52
CA HIS M 61 -26.37 -21.18 -16.93
C HIS M 61 -27.39 -17.70 -21.39
C HIS M 61 -24.88 -20.86 -17.14
N GLN M 62 -28.70 -17.80 -21.55
N GLN M 62 -24.23 -20.16 -16.21
CA GLN M 62 -29.27 -18.84 -22.39
CA GLN M 62 -22.79 -19.88 -16.32
C GLN M 62 -28.87 -18.63 -23.84
C GLN M 62 -21.94 -21.16 -16.21
N GLN M 63 -28.84 -17.38 -24.28
N GLN M 63 -22.32 -22.13 -15.37
CA GLN M 63 -28.37 -17.06 -25.62
CA GLN M 63 -21.68 -23.45 -15.35
C GLN M 63 -26.94 -17.53 -25.85
C GLN M 63 -21.81 -24.15 -16.70
N ASP M 64 -26.07 -17.30 -24.86
N ASP M 64 -22.98 -24.12 -17.33
CA ASP M 64 -24.69 -17.75 -24.94
CA ASP M 64 -23.16 -24.69 -18.67
C ASP M 64 -24.59 -19.27 -24.92
C ASP M 64 -22.37 -23.91 -19.73
N ILE M 65 -25.46 -19.91 -24.14
N ILE M 65 -22.28 -22.58 -19.65
CA ILE M 65 -25.53 -21.36 -24.12
CA ILE M 65 -21.43 -21.76 -20.52
C ILE M 65 -25.95 -21.93 -25.47
C ILE M 65 -19.96 -22.14 -20.34
N ASP M 66 -26.98 -21.34 -26.06
N ASP M 66 -19.46 -22.21 -19.12
CA ASP M 66 -27.46 -21.78 -27.36
CA ASP M 66 -18.08 -22.61 -18.81
C ASP M 66 -26.39 -21.57 -28.42
C ASP M 66 -17.78 -24.02 -19.32
N ASP M 67 -25.67 -20.45 -28.32
N ASP M 67 -18.67 -24.98 -19.06
CA ASP M 67 -24.62 -20.12 -29.28
CA ASP M 67 -18.55 -26.35 -19.53
C ASP M 67 -23.46 -21.10 -29.18
C ASP M 67 -18.51 -26.41 -21.07
N LEU M 68 -23.03 -21.39 -27.95
N LEU M 68 -19.43 -25.73 -21.75
CA LEU M 68 -21.94 -22.33 -27.75
CA LEU M 68 -19.43 -25.67 -23.22
C LEU M 68 -22.33 -23.75 -28.15
C LEU M 68 -18.18 -24.97 -23.75
N LYS M 69 -23.58 -24.14 -27.88
N LYS M 69 -17.70 -23.87 -23.13
CA LYS M 69 -24.07 -25.44 -28.31
CA LYS M 69 -16.44 -23.22 -23.53
C LYS M 69 -24.03 -25.57 -29.82
C LYS M 69 -15.24 -24.16 -23.39
N ARG M 70 -24.43 -24.51 -30.52
N ARG M 70 -15.14 -24.90 -22.28
CA ARG M 70 -24.42 -24.52 -31.98
CA ARG M 70 -14.10 -25.92 -22.06
C ARG M 70 -23.00 -24.55 -32.53
C ARG M 70 -14.19 -27.06 -23.07
N GLN M 71 -22.10 -23.84 -31.86
N GLN M 71 -15.39 -27.59 -23.32
CA GLN M 71 -20.69 -23.86 -32.23
CA GLN M 71 -15.61 -28.61 -24.35
C GLN M 71 -20.08 -25.25 -32.01
C GLN M 71 -15.21 -28.11 -25.74
N ASN M 72 -20.46 -25.89 -30.91
N ASN M 72 -15.63 -26.88 -26.11
CA ASN M 72 -19.94 -27.21 -30.62
CA ASN M 72 -15.25 -26.28 -27.38
C ASN M 72 -20.48 -28.24 -31.60
C ASN M 72 -13.74 -26.06 -27.49
N ALA M 73 -21.73 -28.07 -32.00
N ALA M 73 -13.06 -25.64 -26.42
CA ALA M 73 -22.31 -28.97 -32.99
CA ALA M 73 -11.59 -25.53 -26.41
C ALA M 73 -21.59 -28.88 -34.32
C ALA M 73 -10.89 -26.88 -26.63
N LEU M 74 -21.22 -27.65 -34.71
N LEU M 74 -11.39 -27.96 -26.02
CA LEU M 74 -20.47 -27.46 -35.95
CA LEU M 74 -10.89 -29.31 -26.24
C LEU M 74 -19.07 -28.06 -35.86
C LEU M 74 -11.15 -29.80 -27.68
N LEU M 75 -18.42 -27.90 -34.71
N LEU M 75 -12.36 -29.59 -28.20
CA LEU M 75 -17.08 -28.44 -34.52
CA LEU M 75 -12.70 -29.95 -29.59
C LEU M 75 -17.11 -29.96 -34.47
C LEU M 75 -11.84 -29.15 -30.58
N GLU M 76 -18.14 -30.51 -33.83
N GLU M 76 -11.67 -27.84 -30.39
CA GLU M 76 -18.31 -31.97 -33.76
CA GLU M 76 -10.78 -26.99 -31.18
C GLU M 76 -18.55 -32.55 -35.14
C GLU M 76 -9.33 -27.47 -31.16
N GLN M 77 -19.29 -31.82 -35.97
N GLN M 77 -8.83 -27.94 -30.00
CA GLN M 77 -19.55 -32.24 -37.34
CA GLN M 77 -7.49 -28.53 -29.87
C GLN M 77 -18.27 -32.29 -38.15
C GLN M 77 -7.35 -29.85 -30.64
N GLN M 78 -17.37 -31.33 -37.90
N GLN M 78 -8.42 -30.66 -30.70
CA GLN M 78 -16.07 -31.32 -38.56
CA GLN M 78 -8.46 -31.85 -31.56
C GLN M 78 -15.16 -32.44 -38.04
C GLN M 78 -8.58 -31.53 -33.05
N VAL M 79 -15.26 -32.73 -36.74
N VAL M 79 -9.29 -30.45 -33.42
CA VAL M 79 -14.43 -33.77 -36.12
CA VAL M 79 -9.43 -29.99 -34.83
C VAL M 79 -14.78 -35.18 -36.62
C VAL M 79 -8.08 -29.53 -35.38
N ARG M 80 -16.07 -35.49 -36.66
N ARG M 80 -7.34 -28.68 -34.63
CA ARG M 80 -16.55 -36.80 -37.12
CA ARG M 80 -6.02 -28.19 -35.04
C ARG M 80 -16.33 -36.98 -38.62
C ARG M 80 -4.92 -29.25 -34.80
C1 PTD N . -3.96 -14.63 25.79
C2 PTD N . -2.54 -14.43 26.33
C3 PTD N . -1.52 -14.77 25.25
C4 PTD N . -1.50 -16.28 24.97
C5 PTD N . -0.05 -16.75 24.77
C1 PTD O . 33.31 14.42 30.28
C2 PTD O . 32.57 14.64 31.60
C3 PTD O . 31.24 15.38 31.34
C4 PTD O . 30.08 14.39 31.16
C5 PTD O . 29.10 14.87 30.09
C1 PTD P . 22.93 -13.05 -27.57
C2 PTD P . 22.32 -11.73 -28.02
C3 PTD P . 20.83 -11.65 -27.69
C4 PTD P . 20.61 -11.52 -26.18
C5 PTD P . 20.45 -10.05 -25.78
C1 PTD Q . 7.45 30.59 -9.18
C2 PTD Q . 7.67 32.09 -9.05
C3 PTD Q . 8.69 32.56 -10.09
C4 PTD Q . 8.73 34.08 -10.14
C5 PTD Q . 9.20 34.65 -8.80
C1 PTD R . 26.81 -20.17 -12.77
C2 PTD R . 28.15 -19.66 -12.23
C3 PTD R . 28.99 -19.07 -13.37
C4 PTD R . 29.67 -20.20 -14.19
C5 PTD R . 29.96 -19.70 -15.61
C1 PTD S . -12.09 6.63 13.11
C2 PTD S . -11.09 5.51 12.81
C3 PTD S . -11.69 4.12 13.06
C4 PTD S . -12.33 4.03 14.47
C5 PTD S . -12.11 2.65 15.10
C1 PTD T . 8.75 20.24 17.14
C2 PTD T . 8.64 20.18 15.62
C3 PTD T . 9.90 20.75 14.97
C4 PTD T . 9.89 22.29 15.03
C5 PTD T . 8.93 22.85 13.97
C1 PTD U . -29.71 5.21 -9.66
C2 PTD U . -30.33 5.68 -8.34
C3 PTD U . -29.30 6.50 -7.57
C4 PTD U . -29.76 6.78 -6.13
C5 PTD U . -28.54 6.99 -5.22
#